data_5MU4
#
_entry.id   5MU4
#
_cell.length_a   138.320
_cell.length_b   138.320
_cell.length_c   102.930
_cell.angle_alpha   90.000
_cell.angle_beta   90.000
_cell.angle_gamma   120.000
#
_symmetry.space_group_name_H-M   'P 63'
#
loop_
_entity.id
_entity.type
_entity.pdbx_description
1 polymer 'Tail tubular protein A'
2 water water
#
_entity_poly.entity_id   1
_entity_poly.type   'polypeptide(L)'
_entity_poly.pdbx_seq_one_letter_code
;SGLVPRGSHMNMQDAYFGSAAELDAVNEMLAAIGESPVTTLDEDGSADVANARRILNRINRQIQSKGWAFNINESATLTP
DVSTGLIPFRPAYLSILGGQYVNRGGWVYDKSTGTDTFSGPITVTLITLQDYDEMPECFRQWIVTKASRQFNSRFFGAED
VENSLAQEEMEARMACNEYEMDFGQYNMLDGDAYVQGLIGR
;
_entity_poly.pdbx_strand_id   A,B,C,D
#
# COMPACT_ATOMS: atom_id res chain seq x y z
N SER A 1 -3.44 38.01 -2.18
CA SER A 1 -3.93 36.67 -1.70
C SER A 1 -3.45 36.34 -0.24
N GLY A 2 -2.90 35.14 -0.06
CA GLY A 2 -2.61 34.47 1.19
C GLY A 2 -1.15 34.03 1.37
N LEU A 3 -0.90 33.12 2.31
CA LEU A 3 0.41 32.75 2.61
C LEU A 3 0.89 31.76 1.49
N VAL A 4 2.18 31.72 1.24
CA VAL A 4 2.77 30.79 0.21
C VAL A 4 3.93 30.01 0.84
N PRO A 5 4.35 28.90 0.18
CA PRO A 5 5.52 28.20 0.63
C PRO A 5 6.74 28.99 0.45
N ARG A 6 7.77 28.70 1.21
CA ARG A 6 9.08 29.28 0.91
C ARG A 6 9.63 29.03 -0.52
N GLY A 7 9.40 27.87 -1.09
CA GLY A 7 9.91 27.57 -2.46
C GLY A 7 8.77 27.35 -3.45
N SER A 8 8.85 28.04 -4.56
CA SER A 8 7.83 27.94 -5.60
C SER A 8 8.20 26.89 -6.68
N HIS A 9 9.49 26.71 -6.94
CA HIS A 9 10.03 25.63 -7.80
C HIS A 9 9.32 25.50 -9.18
N MET A 10 9.00 26.65 -9.77
CA MET A 10 8.23 26.74 -11.01
C MET A 10 8.94 26.10 -12.19
N ASN A 11 10.26 26.07 -12.14
CA ASN A 11 11.09 25.51 -13.19
C ASN A 11 11.63 24.12 -12.84
N MET A 12 11.08 23.48 -11.82
CA MET A 12 11.55 22.13 -11.50
C MET A 12 11.08 21.28 -12.65
N GLN A 13 11.97 20.51 -13.24
CA GLN A 13 11.53 19.52 -14.26
C GLN A 13 11.70 18.07 -13.85
N ASP A 14 12.71 17.74 -13.07
CA ASP A 14 12.99 16.37 -12.65
CA ASP A 14 12.85 16.31 -12.72
C ASP A 14 12.25 16.00 -11.35
N ALA A 15 12.37 14.75 -10.92
CA ALA A 15 11.79 14.33 -9.66
C ALA A 15 12.55 14.88 -8.48
N TYR A 16 13.83 15.24 -8.67
CA TYR A 16 14.71 15.66 -7.58
C TYR A 16 15.16 17.09 -7.65
N PHE A 17 15.46 17.67 -6.50
CA PHE A 17 15.92 19.07 -6.41
C PHE A 17 17.38 19.21 -6.86
N GLY A 18 18.25 18.23 -6.56
CA GLY A 18 19.64 18.37 -7.03
C GLY A 18 20.39 19.40 -6.23
N SER A 19 19.96 19.63 -4.98
CA SER A 19 20.45 20.70 -4.17
C SER A 19 21.44 20.26 -3.07
N ALA A 20 22.11 21.24 -2.49
CA ALA A 20 22.92 21.04 -1.27
C ALA A 20 22.09 20.46 -0.14
N ALA A 21 20.84 20.92 0.00
CA ALA A 21 20.01 20.40 1.06
C ALA A 21 19.69 18.88 0.85
N GLU A 22 19.40 18.51 -0.38
CA GLU A 22 19.11 17.07 -0.68
C GLU A 22 20.36 16.20 -0.42
N LEU A 23 21.53 16.70 -0.78
CA LEU A 23 22.80 15.98 -0.54
C LEU A 23 23.06 15.79 0.93
N ASP A 24 22.76 16.82 1.71
CA ASP A 24 22.98 16.71 3.12
C ASP A 24 22.06 15.66 3.75
N ALA A 25 20.82 15.60 3.28
CA ALA A 25 19.89 14.66 3.82
C ALA A 25 20.35 13.20 3.49
N VAL A 26 20.73 13.02 2.22
CA VAL A 26 21.23 11.67 1.73
C VAL A 26 22.49 11.27 2.51
N ASN A 27 23.41 12.22 2.70
CA ASN A 27 24.58 12.00 3.53
C ASN A 27 24.33 11.63 4.99
N GLU A 28 23.24 12.15 5.57
CA GLU A 28 22.73 11.67 6.85
C GLU A 28 22.24 10.23 6.86
N MET A 29 21.57 9.83 5.80
CA MET A 29 21.08 8.48 5.66
C MET A 29 22.29 7.51 5.57
N LEU A 30 23.27 7.84 4.73
CA LEU A 30 24.50 7.07 4.60
C LEU A 30 25.23 6.96 5.90
N ALA A 31 25.36 8.07 6.60
CA ALA A 31 26.03 8.06 7.88
C ALA A 31 25.34 7.11 8.84
N ALA A 32 24.02 7.11 8.83
CA ALA A 32 23.27 6.34 9.84
C ALA A 32 23.60 4.87 9.75
N ILE A 33 23.89 4.46 8.53
CA ILE A 33 24.14 3.11 8.11
C ILE A 33 25.61 2.74 8.05
N GLY A 34 26.49 3.69 8.36
CA GLY A 34 27.93 3.48 8.42
C GLY A 34 28.69 3.73 7.14
N GLU A 35 28.10 4.43 6.18
CA GLU A 35 28.76 4.62 4.93
C GLU A 35 29.22 6.07 4.88
N SER A 36 30.30 6.31 4.16
CA SER A 36 30.90 7.64 4.20
C SER A 36 30.14 8.58 3.21
N PRO A 37 30.11 9.88 3.52
CA PRO A 37 29.40 10.88 2.66
C PRO A 37 29.99 11.07 1.29
N VAL A 38 29.19 11.57 0.37
CA VAL A 38 29.63 11.81 -0.99
C VAL A 38 29.52 13.32 -1.22
N THR A 39 30.13 13.77 -2.29
CA THR A 39 30.21 15.20 -2.58
C THR A 39 29.21 15.63 -3.64
N THR A 40 28.56 14.71 -4.29
CA THR A 40 27.53 15.00 -5.28
C THR A 40 26.67 13.78 -5.36
N LEU A 41 25.44 13.93 -5.86
CA LEU A 41 24.54 12.82 -6.06
C LEU A 41 24.44 12.44 -7.55
N ASP A 42 25.06 13.23 -8.42
CA ASP A 42 24.42 13.47 -9.69
C ASP A 42 24.79 12.71 -11.00
N GLU A 43 25.55 11.60 -11.00
CA GLU A 43 27.02 11.48 -10.91
C GLU A 43 27.65 10.22 -10.25
N ASP A 44 26.93 9.33 -9.58
CA ASP A 44 25.98 8.28 -10.07
C ASP A 44 26.86 7.02 -10.37
N GLY A 45 27.75 6.73 -9.42
CA GLY A 45 28.34 5.42 -9.26
C GLY A 45 27.44 4.52 -8.40
N SER A 46 27.35 4.77 -7.09
CA SER A 46 26.89 3.70 -6.19
C SER A 46 25.39 3.48 -6.05
N ALA A 47 25.04 2.18 -6.03
CA ALA A 47 23.75 1.70 -5.67
C ALA A 47 23.24 2.32 -4.36
N ASP A 48 24.05 2.35 -3.32
CA ASP A 48 23.58 2.85 -2.03
C ASP A 48 23.17 4.35 -2.12
N VAL A 49 23.96 5.14 -2.85
CA VAL A 49 23.61 6.57 -3.02
C VAL A 49 22.30 6.69 -3.76
N ALA A 50 22.17 5.95 -4.84
CA ALA A 50 21.00 6.03 -5.66
C ALA A 50 19.74 5.52 -4.95
N ASN A 51 19.90 4.44 -4.21
CA ASN A 51 18.80 3.92 -3.45
C ASN A 51 18.39 4.89 -2.29
N ALA A 52 19.33 5.44 -1.60
CA ALA A 52 19.00 6.39 -0.51
C ALA A 52 18.24 7.62 -1.05
N ARG A 53 18.71 8.11 -2.17
CA ARG A 53 18.05 9.22 -2.87
C ARG A 53 16.60 8.96 -3.24
N ARG A 54 16.35 7.75 -3.77
CA ARG A 54 15.04 7.32 -4.10
C ARG A 54 14.07 7.08 -2.97
N ILE A 55 14.55 6.44 -1.90
CA ILE A 55 13.79 6.23 -0.73
C ILE A 55 13.40 7.60 -0.10
N LEU A 56 14.38 8.45 -0.01
CA LEU A 56 14.21 9.79 0.55
C LEU A 56 13.11 10.55 -0.23
N ASN A 57 13.24 10.60 -1.55
CA ASN A 57 12.22 11.22 -2.45
C ASN A 57 10.79 10.69 -2.28
N ARG A 58 10.64 9.35 -2.18
CA ARG A 58 9.34 8.78 -2.01
C ARG A 58 8.69 9.15 -0.61
N ILE A 59 9.48 9.06 0.45
CA ILE A 59 8.99 9.38 1.80
C ILE A 59 8.62 10.92 1.86
N ASN A 60 9.49 11.67 1.23
CA ASN A 60 9.35 13.16 1.19
C ASN A 60 8.01 13.45 0.54
N ARG A 61 7.81 12.89 -0.64
CA ARG A 61 6.53 13.06 -1.28
C ARG A 61 5.31 12.54 -0.56
N GLN A 62 5.45 11.36 0.06
CA GLN A 62 4.34 10.79 0.73
C GLN A 62 3.90 11.69 1.90
N ILE A 63 4.84 12.08 2.71
CA ILE A 63 4.49 12.96 3.89
C ILE A 63 3.96 14.37 3.41
N GLN A 64 4.63 14.98 2.45
CA GLN A 64 4.29 16.33 2.00
C GLN A 64 2.94 16.33 1.29
N SER A 65 2.53 15.18 0.68
CA SER A 65 1.32 15.18 -0.13
C SER A 65 0.14 15.33 0.75
N LYS A 66 0.23 14.96 2.01
CA LYS A 66 -0.93 15.20 2.91
C LYS A 66 -1.37 16.69 2.90
N GLY A 67 -0.40 17.57 2.73
CA GLY A 67 -0.59 18.99 2.76
C GLY A 67 -0.50 19.52 4.24
N TRP A 68 0.35 20.49 4.43
CA TRP A 68 0.65 21.12 5.73
C TRP A 68 0.76 22.61 5.47
N ALA A 69 0.71 23.37 6.56
CA ALA A 69 0.81 24.82 6.42
C ALA A 69 2.03 25.28 5.68
N PHE A 70 3.23 24.69 5.93
CA PHE A 70 4.38 25.22 5.27
C PHE A 70 4.45 24.99 3.76
N ASN A 71 3.67 24.03 3.23
CA ASN A 71 3.79 23.69 1.79
C ASN A 71 2.49 24.00 1.01
N ILE A 72 1.63 24.82 1.63
CA ILE A 72 0.36 25.16 1.04
C ILE A 72 0.40 26.62 0.55
N ASN A 73 -0.02 26.79 -0.71
N ASN A 73 0.02 26.74 -0.73
CA ASN A 73 -0.26 28.09 -1.27
CA ASN A 73 -0.36 27.99 -1.37
C ASN A 73 -1.75 28.32 -1.18
C ASN A 73 -1.84 28.18 -1.08
N GLU A 74 -2.14 29.11 -0.18
CA GLU A 74 -3.49 29.24 0.24
C GLU A 74 -4.42 29.68 -0.92
N SER A 75 -3.96 30.56 -1.75
CA SER A 75 -4.84 31.11 -2.80
C SER A 75 -3.90 31.37 -4.00
N ALA A 76 -3.80 30.36 -4.86
CA ALA A 76 -2.88 30.46 -5.96
C ALA A 76 -3.72 30.79 -7.16
N THR A 77 -3.41 31.86 -7.86
CA THR A 77 -4.24 32.20 -9.03
C THR A 77 -3.51 31.72 -10.27
N LEU A 78 -4.13 30.78 -11.00
CA LEU A 78 -3.43 30.21 -12.20
C LEU A 78 -4.13 30.71 -13.50
N THR A 79 -3.30 31.14 -14.43
CA THR A 79 -3.74 31.92 -15.60
C THR A 79 -3.48 31.08 -16.89
N PRO A 80 -4.52 30.79 -17.64
CA PRO A 80 -4.25 29.90 -18.79
C PRO A 80 -3.45 30.55 -19.91
N ASP A 81 -2.79 29.73 -20.71
CA ASP A 81 -2.17 30.20 -21.94
C ASP A 81 -3.19 30.87 -22.84
N VAL A 82 -2.85 32.06 -23.37
CA VAL A 82 -3.77 32.80 -24.29
C VAL A 82 -4.17 32.01 -25.52
N SER A 83 -3.28 31.24 -26.11
CA SER A 83 -3.69 30.51 -27.30
C SER A 83 -4.34 29.16 -27.01
N THR A 84 -3.73 28.36 -26.13
CA THR A 84 -4.24 26.99 -25.87
C THR A 84 -5.30 26.84 -24.77
N GLY A 85 -5.39 27.81 -23.87
CA GLY A 85 -6.33 27.66 -22.78
C GLY A 85 -5.80 26.73 -21.66
N LEU A 86 -4.56 26.27 -21.77
CA LEU A 86 -3.99 25.27 -20.87
C LEU A 86 -3.30 25.86 -19.64
N ILE A 87 -3.31 25.10 -18.54
CA ILE A 87 -2.57 25.44 -17.34
C ILE A 87 -1.74 24.21 -16.97
N PRO A 88 -0.42 24.32 -16.97
CA PRO A 88 0.39 23.19 -16.63
C PRO A 88 0.23 22.81 -15.14
N PHE A 89 0.16 21.52 -14.91
CA PHE A 89 0.26 20.94 -13.59
C PHE A 89 1.76 20.61 -13.43
N ARG A 90 2.48 21.50 -12.78
CA ARG A 90 3.94 21.48 -12.80
C ARG A 90 4.47 20.40 -11.94
N PRO A 91 5.69 19.95 -12.24
CA PRO A 91 6.27 18.84 -11.52
C PRO A 91 6.40 19.06 -9.95
N ALA A 92 6.58 20.28 -9.51
CA ALA A 92 6.64 20.52 -8.02
C ALA A 92 5.26 20.49 -7.36
N TYR A 93 4.16 20.57 -8.15
CA TYR A 93 2.82 20.47 -7.56
C TYR A 93 2.56 19.06 -7.07
N LEU A 94 2.08 18.90 -5.86
CA LEU A 94 1.72 17.62 -5.35
C LEU A 94 0.24 17.35 -5.46
N SER A 95 -0.57 18.37 -5.30
CA SER A 95 -2.02 18.17 -5.28
C SER A 95 -2.70 19.56 -5.32
N ILE A 96 -3.86 19.66 -5.94
CA ILE A 96 -4.74 20.82 -5.76
C ILE A 96 -5.82 20.33 -4.84
N LEU A 97 -6.01 20.95 -3.67
CA LEU A 97 -7.02 20.49 -2.73
C LEU A 97 -8.45 20.60 -3.26
N GLY A 98 -9.31 19.68 -2.87
CA GLY A 98 -10.74 19.88 -3.12
C GLY A 98 -11.50 18.80 -3.91
N GLY A 99 -10.80 18.03 -4.70
CA GLY A 99 -11.49 16.98 -5.43
C GLY A 99 -11.99 17.43 -6.81
N GLN A 100 -11.73 18.65 -7.20
CA GLN A 100 -12.27 19.22 -8.47
C GLN A 100 -11.17 19.26 -9.57
N TYR A 101 -10.01 19.73 -9.21
CA TYR A 101 -8.91 19.91 -10.14
C TYR A 101 -7.82 18.85 -9.97
N VAL A 102 -7.45 18.20 -11.07
CA VAL A 102 -6.48 17.08 -10.99
C VAL A 102 -5.47 17.19 -12.14
N ASN A 103 -4.37 16.48 -11.99
CA ASN A 103 -3.38 16.41 -13.03
C ASN A 103 -3.79 15.35 -14.09
N ARG A 104 -3.92 15.75 -15.33
CA ARG A 104 -4.14 14.78 -16.44
C ARG A 104 -3.14 15.08 -17.50
N GLY A 105 -2.09 14.24 -17.54
CA GLY A 105 -1.00 14.42 -18.53
C GLY A 105 -0.09 15.61 -18.38
N GLY A 106 0.04 16.14 -17.17
CA GLY A 106 0.79 17.38 -16.99
C GLY A 106 0.03 18.69 -17.10
N TRP A 107 -1.29 18.62 -17.10
CA TRP A 107 -2.14 19.76 -17.28
C TRP A 107 -3.23 19.73 -16.19
N VAL A 108 -3.58 20.88 -15.69
CA VAL A 108 -4.72 21.01 -14.73
C VAL A 108 -5.99 20.71 -15.41
N TYR A 109 -6.70 19.72 -14.91
CA TYR A 109 -7.97 19.30 -15.50
C TYR A 109 -9.11 19.53 -14.49
N ASP A 110 -10.16 20.16 -14.99
CA ASP A 110 -11.37 20.47 -14.21
C ASP A 110 -12.45 19.41 -14.35
N LYS A 111 -12.66 18.64 -13.28
CA LYS A 111 -13.65 17.66 -13.28
C LYS A 111 -15.13 18.26 -13.26
N SER A 112 -15.33 19.51 -12.96
CA SER A 112 -16.72 20.00 -12.86
C SER A 112 -17.41 20.02 -14.26
N THR A 113 -16.62 20.31 -15.29
CA THR A 113 -17.10 20.17 -16.68
C THR A 113 -16.34 19.19 -17.57
N GLY A 114 -15.24 18.61 -17.09
CA GLY A 114 -14.45 17.73 -17.89
C GLY A 114 -13.59 18.39 -18.93
N THR A 115 -12.71 19.26 -18.50
CA THR A 115 -11.92 20.00 -19.41
C THR A 115 -10.62 20.46 -18.84
N ASP A 116 -9.61 20.56 -19.71
CA ASP A 116 -8.35 21.15 -19.40
C ASP A 116 -8.14 22.47 -20.08
N THR A 117 -9.21 23.04 -20.67
CA THR A 117 -9.03 24.39 -21.15
C THR A 117 -9.92 25.38 -20.44
N PHE A 118 -9.35 26.51 -20.21
CA PHE A 118 -9.91 27.60 -19.44
C PHE A 118 -9.88 28.88 -20.24
N SER A 119 -10.94 29.65 -20.07
CA SER A 119 -11.02 30.99 -20.71
C SER A 119 -10.48 32.14 -19.82
N GLY A 120 -10.39 31.90 -18.50
CA GLY A 120 -9.79 32.86 -17.60
C GLY A 120 -9.09 32.16 -16.41
N PRO A 121 -8.43 32.94 -15.57
CA PRO A 121 -7.71 32.37 -14.42
C PRO A 121 -8.60 31.61 -13.47
N ILE A 122 -7.98 30.68 -12.72
CA ILE A 122 -8.66 29.99 -11.64
C ILE A 122 -7.87 30.26 -10.34
N THR A 123 -8.54 30.18 -9.22
CA THR A 123 -7.88 30.38 -7.95
C THR A 123 -8.14 29.15 -7.16
N VAL A 124 -7.04 28.55 -6.72
CA VAL A 124 -7.08 27.24 -6.05
C VAL A 124 -6.15 27.24 -4.85
N THR A 125 -6.28 26.21 -4.06
CA THR A 125 -5.37 25.95 -2.95
C THR A 125 -4.47 24.74 -3.34
N LEU A 126 -3.17 24.98 -3.41
CA LEU A 126 -2.18 24.09 -4.04
C LEU A 126 -1.13 23.64 -2.99
N ILE A 127 -0.71 22.37 -3.03
CA ILE A 127 0.42 21.85 -2.27
C ILE A 127 1.63 21.75 -3.20
N THR A 128 2.71 22.41 -2.82
CA THR A 128 3.95 22.47 -3.58
C THR A 128 5.07 21.82 -2.78
N LEU A 129 5.82 20.92 -3.46
CA LEU A 129 6.90 20.20 -2.82
C LEU A 129 7.99 21.12 -2.38
N GLN A 130 8.38 21.03 -1.11
CA GLN A 130 9.48 21.83 -0.57
C GLN A 130 10.76 21.05 -0.33
N ASP A 131 11.87 21.73 -0.48
CA ASP A 131 13.19 21.15 -0.24
C ASP A 131 13.46 21.17 1.30
N TYR A 132 14.52 20.51 1.74
CA TYR A 132 14.74 20.28 3.19
C TYR A 132 15.15 21.55 3.96
N ASP A 133 15.65 22.54 3.25
CA ASP A 133 15.89 23.87 3.89
C ASP A 133 14.73 24.83 3.72
N GLU A 134 13.55 24.28 3.38
CA GLU A 134 12.37 25.08 3.11
C GLU A 134 11.21 24.59 3.91
N MET A 135 11.47 23.77 4.92
CA MET A 135 10.44 23.24 5.75
C MET A 135 10.83 23.41 7.21
N PRO A 136 9.88 23.41 8.14
CA PRO A 136 10.23 23.47 9.57
C PRO A 136 11.12 22.29 9.99
N GLU A 137 11.95 22.52 10.98
CA GLU A 137 12.90 21.51 11.47
C GLU A 137 12.23 20.19 11.79
N CYS A 138 11.07 20.22 12.41
CA CYS A 138 10.36 19.03 12.83
C CYS A 138 10.02 18.10 11.60
N PHE A 139 9.59 18.71 10.49
CA PHE A 139 9.35 17.96 9.24
C PHE A 139 10.60 17.40 8.62
N ARG A 140 11.67 18.15 8.58
CA ARG A 140 12.90 17.59 8.04
C ARG A 140 13.32 16.40 8.91
N GLN A 141 13.21 16.55 10.24
CA GLN A 141 13.56 15.43 11.15
C GLN A 141 12.64 14.19 10.90
N TRP A 142 11.32 14.38 10.76
CA TRP A 142 10.46 13.28 10.55
C TRP A 142 10.78 12.55 9.18
N ILE A 143 10.93 13.32 8.12
CA ILE A 143 11.18 12.74 6.79
C ILE A 143 12.53 12.06 6.68
N VAL A 144 13.55 12.69 7.16
CA VAL A 144 14.88 12.18 6.95
C VAL A 144 15.09 10.95 7.91
N THR A 145 14.53 11.00 9.13
CA THR A 145 14.56 9.84 10.05
C THR A 145 13.77 8.59 9.49
N LYS A 146 12.55 8.83 9.03
CA LYS A 146 11.76 7.84 8.43
C LYS A 146 12.45 7.19 7.20
N ALA A 147 13.05 8.01 6.35
CA ALA A 147 13.81 7.53 5.21
C ALA A 147 15.03 6.72 5.66
N SER A 148 15.78 7.22 6.61
CA SER A 148 16.92 6.50 7.17
C SER A 148 16.53 5.13 7.73
N ARG A 149 15.41 5.08 8.40
CA ARG A 149 14.84 3.86 8.95
C ARG A 149 14.46 2.81 7.90
N GLN A 150 13.76 3.26 6.89
CA GLN A 150 13.48 2.43 5.78
C GLN A 150 14.71 1.92 4.99
N PHE A 151 15.71 2.75 4.75
CA PHE A 151 16.93 2.42 4.08
C PHE A 151 17.70 1.37 4.91
N ASN A 152 17.77 1.56 6.21
CA ASN A 152 18.35 0.57 7.12
C ASN A 152 17.62 -0.75 7.01
N SER A 153 16.30 -0.76 7.22
CA SER A 153 15.52 -1.95 7.30
C SER A 153 15.58 -2.73 5.98
N ARG A 154 15.40 -2.06 4.84
CA ARG A 154 15.40 -2.69 3.56
C ARG A 154 16.75 -3.34 3.16
N PHE A 155 17.89 -2.78 3.53
CA PHE A 155 19.15 -3.24 2.99
C PHE A 155 20.21 -3.70 3.99
N PHE A 156 20.04 -3.38 5.27
CA PHE A 156 21.09 -3.49 6.25
C PHE A 156 20.65 -4.26 7.49
N GLY A 157 19.60 -3.81 8.14
CA GLY A 157 19.07 -4.39 9.32
C GLY A 157 19.85 -4.26 10.60
N ALA A 158 20.66 -3.20 10.75
CA ALA A 158 21.31 -2.95 12.06
C ALA A 158 20.27 -2.64 13.14
N GLU A 159 20.25 -3.43 14.25
CA GLU A 159 19.17 -3.25 15.22
C GLU A 159 19.37 -2.03 16.14
N ASP A 160 20.59 -1.67 16.43
CA ASP A 160 20.81 -0.48 17.25
C ASP A 160 20.37 0.76 16.43
N VAL A 161 20.66 0.75 15.13
CA VAL A 161 20.25 1.87 14.23
C VAL A 161 18.74 1.93 14.25
N GLU A 162 18.08 0.78 14.07
CA GLU A 162 16.62 0.74 14.10
C GLU A 162 16.00 1.25 15.40
N ASN A 163 16.58 0.91 16.54
CA ASN A 163 15.96 1.27 17.82
C ASN A 163 16.07 2.76 18.01
N SER A 164 17.26 3.24 17.75
CA SER A 164 17.55 4.64 17.80
C SER A 164 16.63 5.53 16.87
N LEU A 165 16.66 5.23 15.59
CA LEU A 165 15.76 5.86 14.61
C LEU A 165 14.29 5.77 14.93
N ALA A 166 13.79 4.62 15.41
CA ALA A 166 12.39 4.50 15.71
C ALA A 166 11.98 5.57 16.74
N GLN A 167 12.84 5.77 17.70
CA GLN A 167 12.59 6.76 18.75
C GLN A 167 12.61 8.20 18.24
N GLU A 168 13.62 8.53 17.44
CA GLU A 168 13.68 9.85 16.83
C GLU A 168 12.47 10.13 15.90
N GLU A 169 11.95 9.08 15.25
CA GLU A 169 10.89 9.26 14.29
C GLU A 169 9.58 9.52 15.03
N MET A 170 9.35 8.72 16.06
CA MET A 170 8.23 8.95 16.94
C MET A 170 8.18 10.39 17.47
N GLU A 171 9.30 10.87 17.95
CA GLU A 171 9.35 12.22 18.49
C GLU A 171 9.10 13.31 17.42
N ALA A 172 9.68 13.17 16.23
CA ALA A 172 9.44 14.13 15.16
C ALA A 172 7.98 14.05 14.70
N ARG A 173 7.43 12.85 14.63
CA ARG A 173 6.06 12.68 14.22
C ARG A 173 5.03 13.32 15.21
N MET A 174 5.27 13.17 16.51
CA MET A 174 4.49 13.89 17.52
C MET A 174 4.62 15.43 17.37
N ALA A 175 5.83 15.94 17.17
CA ALA A 175 6.06 17.35 16.94
C ALA A 175 5.32 17.89 15.68
N CYS A 176 5.25 17.08 14.61
CA CYS A 176 4.53 17.47 13.38
C CYS A 176 3.01 17.45 13.60
N ASN A 177 2.53 16.57 14.44
CA ASN A 177 1.10 16.57 14.73
C ASN A 177 0.74 17.78 15.67
N GLU A 178 1.66 18.11 16.56
CA GLU A 178 1.48 19.36 17.38
C GLU A 178 1.47 20.63 16.51
N TYR A 179 2.30 20.65 15.48
CA TYR A 179 2.30 21.72 14.46
C TYR A 179 0.95 21.85 13.82
N GLU A 180 0.38 20.74 13.41
CA GLU A 180 -0.85 20.78 12.67
C GLU A 180 -2.01 21.23 13.56
N MET A 181 -1.95 20.86 14.82
CA MET A 181 -2.94 21.36 15.78
C MET A 181 -2.84 22.85 15.96
N ASP A 182 -1.63 23.39 15.96
CA ASP A 182 -1.47 24.85 15.93
C ASP A 182 -1.87 25.50 14.63
N PHE A 183 -1.44 24.95 13.48
CA PHE A 183 -1.73 25.60 12.22
C PHE A 183 -3.01 25.20 11.53
N GLY A 184 -3.55 24.04 11.88
CA GLY A 184 -4.81 23.59 11.31
C GLY A 184 -4.56 22.75 10.05
N GLN A 185 -5.52 21.87 9.80
CA GLN A 185 -5.60 21.03 8.62
C GLN A 185 -6.53 21.75 7.65
N TYR A 186 -6.00 22.09 6.48
CA TYR A 186 -6.79 22.77 5.47
C TYR A 186 -7.82 21.81 4.92
N ASN A 187 -9.05 22.27 4.81
CA ASN A 187 -10.15 21.53 4.26
C ASN A 187 -10.86 22.44 3.25
N MET A 188 -11.18 21.95 2.04
CA MET A 188 -12.05 22.72 1.12
C MET A 188 -13.56 22.60 1.33
N LEU A 189 -14.03 21.61 2.07
CA LEU A 189 -15.42 21.57 2.62
C LEU A 189 -16.46 21.97 1.57
N TYR A 194 -12.25 34.33 -0.26
CA TYR A 194 -11.69 32.99 -0.54
C TYR A 194 -10.76 32.55 0.63
N VAL A 195 -9.74 33.36 0.90
CA VAL A 195 -8.73 33.05 1.96
C VAL A 195 -9.42 33.02 3.34
N GLN A 196 -10.30 34.02 3.52
CA GLN A 196 -11.18 34.13 4.67
C GLN A 196 -11.94 32.79 4.94
N GLY A 197 -12.63 32.26 3.92
CA GLY A 197 -13.32 30.96 4.01
C GLY A 197 -12.35 29.81 4.30
N LEU A 198 -11.19 29.84 3.63
CA LEU A 198 -10.16 28.81 3.82
C LEU A 198 -9.65 28.77 5.28
N GLY A 200 -11.31 29.72 8.10
CA GLY A 200 -12.51 29.21 8.75
C GLY A 200 -12.59 27.67 8.74
N ARG A 201 -12.19 27.09 7.60
N ARG A 201 -12.15 27.05 7.64
CA ARG A 201 -12.20 25.65 7.29
CA ARG A 201 -11.66 25.65 7.62
C ARG A 201 -13.61 25.15 7.02
C ARG A 201 -12.48 24.59 8.33
N SER B 1 -12.41 -1.83 -5.04
CA SER B 1 -13.88 -1.71 -5.28
C SER B 1 -14.34 -0.24 -5.04
N GLY B 2 -15.62 0.11 -5.30
CA GLY B 2 -16.79 -0.72 -5.07
C GLY B 2 -17.13 -0.77 -3.55
N LEU B 3 -16.27 -0.20 -2.69
CA LEU B 3 -16.52 -0.30 -1.28
C LEU B 3 -17.48 0.88 -0.88
N VAL B 4 -18.32 0.71 0.13
CA VAL B 4 -19.31 1.76 0.51
C VAL B 4 -19.16 2.02 2.03
N PRO B 5 -19.56 3.23 2.51
CA PRO B 5 -19.56 3.43 3.96
C PRO B 5 -20.36 2.46 4.70
N ARG B 6 -20.07 2.21 5.99
CA ARG B 6 -20.95 1.38 6.78
C ARG B 6 -22.34 1.89 6.93
N GLY B 7 -22.51 3.23 6.97
CA GLY B 7 -23.86 3.77 7.17
C GLY B 7 -24.35 4.55 5.96
N SER B 8 -25.56 4.32 5.57
CA SER B 8 -26.13 5.13 4.45
C SER B 8 -27.11 6.23 4.92
N HIS B 9 -27.88 5.95 5.97
CA HIS B 9 -28.71 6.94 6.69
C HIS B 9 -29.72 7.70 5.79
N MET B 10 -30.36 6.96 4.90
CA MET B 10 -31.18 7.56 3.86
C MET B 10 -32.46 8.19 4.44
N ASN B 11 -32.87 7.69 5.59
CA ASN B 11 -34.08 8.17 6.27
C ASN B 11 -33.87 9.11 7.45
N MET B 12 -32.66 9.63 7.64
CA MET B 12 -32.42 10.65 8.66
C MET B 12 -33.28 11.81 8.26
N GLN B 13 -34.04 12.36 9.19
CA GLN B 13 -34.91 13.53 8.93
C GLN B 13 -34.28 14.86 9.34
N ASP B 14 -33.45 14.88 10.37
CA ASP B 14 -32.85 16.14 10.77
C ASP B 14 -31.37 15.98 10.87
N ALA B 15 -30.72 16.94 11.53
CA ALA B 15 -29.28 17.01 11.59
C ALA B 15 -28.70 15.88 12.42
N TYR B 16 -29.47 15.34 13.36
CA TYR B 16 -28.91 14.39 14.35
C TYR B 16 -29.32 12.98 14.14
N PHE B 17 -28.44 12.05 14.53
CA PHE B 17 -28.75 10.63 14.48
C PHE B 17 -29.83 10.17 15.48
N GLY B 18 -29.85 10.71 16.70
CA GLY B 18 -30.81 10.22 17.69
C GLY B 18 -30.48 8.86 18.25
N SER B 19 -29.23 8.45 18.18
CA SER B 19 -28.88 7.09 18.38
C SER B 19 -28.26 6.90 19.76
N ALA B 20 -28.12 5.66 20.19
CA ALA B 20 -27.29 5.34 21.35
C ALA B 20 -25.85 5.78 21.20
N ALA B 21 -25.26 5.66 20.00
CA ALA B 21 -23.89 6.09 19.81
C ALA B 21 -23.69 7.64 20.02
N GLU B 22 -24.64 8.40 19.55
CA GLU B 22 -24.66 9.86 19.73
C GLU B 22 -24.76 10.18 21.26
N LEU B 23 -25.63 9.48 21.93
CA LEU B 23 -25.83 9.64 23.39
C LEU B 23 -24.62 9.36 24.15
N ASP B 24 -23.91 8.28 23.83
CA ASP B 24 -22.73 7.96 24.55
C ASP B 24 -21.66 9.03 24.37
N ALA B 25 -21.54 9.57 23.17
CA ALA B 25 -20.54 10.64 22.90
C ALA B 25 -20.86 11.92 23.67
N VAL B 26 -22.12 12.33 23.67
CA VAL B 26 -22.52 13.52 24.43
C VAL B 26 -22.24 13.28 25.91
N ASN B 27 -22.56 12.10 26.41
CA ASN B 27 -22.23 11.74 27.85
C ASN B 27 -20.76 11.83 28.18
N GLU B 28 -19.89 11.50 27.21
CA GLU B 28 -18.46 11.69 27.38
C GLU B 28 -18.09 13.15 27.43
N MET B 29 -18.72 13.99 26.64
CA MET B 29 -18.44 15.42 26.74
C MET B 29 -18.89 15.95 28.13
N LEU B 30 -20.06 15.52 28.57
CA LEU B 30 -20.57 15.94 29.87
C LEU B 30 -19.63 15.51 31.04
N ALA B 31 -19.19 14.27 31.03
CA ALA B 31 -18.18 13.78 31.98
C ALA B 31 -16.87 14.55 31.96
N ALA B 32 -16.39 14.97 30.77
CA ALA B 32 -15.12 15.67 30.70
C ALA B 32 -15.17 16.95 31.54
N ILE B 33 -16.35 17.55 31.54
CA ILE B 33 -16.66 18.80 32.20
C ILE B 33 -17.24 18.70 33.63
N GLY B 34 -17.37 17.49 34.13
CA GLY B 34 -17.87 17.25 35.49
C GLY B 34 -19.35 17.18 35.63
N GLU B 35 -20.11 17.02 34.54
CA GLU B 35 -21.56 16.87 34.70
C GLU B 35 -22.04 15.45 34.52
N SER B 36 -23.21 15.14 35.12
CA SER B 36 -23.75 13.79 35.13
C SER B 36 -24.29 13.45 33.76
N PRO B 37 -24.33 12.15 33.43
CA PRO B 37 -24.91 11.67 32.14
C PRO B 37 -26.40 11.72 32.11
N VAL B 38 -26.97 11.68 30.91
CA VAL B 38 -28.38 11.68 30.75
C VAL B 38 -28.81 10.35 30.13
N THR B 39 -30.09 10.01 30.18
CA THR B 39 -30.60 8.76 29.62
C THR B 39 -31.11 8.92 28.19
N THR B 40 -31.33 10.15 27.78
CA THR B 40 -31.81 10.44 26.44
C THR B 40 -31.37 11.84 26.03
N LEU B 41 -31.33 12.09 24.72
CA LEU B 41 -30.98 13.42 24.21
C LEU B 41 -32.13 14.39 23.90
N ASP B 42 -33.35 13.95 23.72
CA ASP B 42 -34.37 14.99 23.76
C ASP B 42 -35.23 14.78 24.91
N GLU B 43 -35.19 15.73 25.83
CA GLU B 43 -36.29 15.93 26.76
C GLU B 43 -37.10 17.21 26.50
N ASP B 44 -36.47 18.37 26.36
CA ASP B 44 -35.13 18.63 26.86
C ASP B 44 -34.85 19.08 28.30
N GLY B 45 -35.15 20.35 28.56
CA GLY B 45 -34.56 21.05 29.68
C GLY B 45 -33.14 21.53 29.36
N SER B 46 -32.17 20.61 29.29
CA SER B 46 -30.82 20.96 29.68
C SER B 46 -30.11 21.78 28.63
N ALA B 47 -29.68 23.00 29.00
CA ALA B 47 -28.84 23.79 28.13
C ALA B 47 -27.52 23.07 27.80
N ASP B 48 -26.91 22.42 28.79
CA ASP B 48 -25.65 21.78 28.57
C ASP B 48 -25.77 20.65 27.51
N VAL B 49 -26.79 19.84 27.68
CA VAL B 49 -27.09 18.79 26.74
C VAL B 49 -27.34 19.35 25.34
N ALA B 50 -28.19 20.36 25.21
CA ALA B 50 -28.44 20.93 23.89
C ALA B 50 -27.14 21.49 23.26
N ASN B 51 -26.29 22.18 24.05
CA ASN B 51 -25.13 22.81 23.53
C ASN B 51 -24.09 21.71 23.15
N ALA B 52 -23.88 20.72 24.02
CA ALA B 52 -22.93 19.65 23.73
C ALA B 52 -23.32 18.91 22.38
N ARG B 53 -24.59 18.66 22.23
CA ARG B 53 -25.10 17.98 21.07
C ARG B 53 -24.85 18.78 19.77
N ARG B 54 -25.05 20.11 19.83
CA ARG B 54 -24.81 20.97 18.71
C ARG B 54 -23.36 21.09 18.36
N ILE B 55 -22.53 21.22 19.37
CA ILE B 55 -21.08 21.35 19.14
C ILE B 55 -20.56 20.07 18.47
N LEU B 56 -21.03 18.94 19.00
CA LEU B 56 -20.56 17.62 18.57
C LEU B 56 -20.97 17.41 17.08
N ASN B 57 -22.20 17.72 16.77
CA ASN B 57 -22.72 17.63 15.39
C ASN B 57 -21.90 18.46 14.46
N ARG B 58 -21.63 19.74 14.84
CA ARG B 58 -20.88 20.64 13.98
C ARG B 58 -19.43 20.16 13.71
N ILE B 59 -18.75 19.72 14.76
CA ILE B 59 -17.37 19.20 14.63
C ILE B 59 -17.41 17.89 13.79
N ASN B 60 -18.35 17.03 14.11
CA ASN B 60 -18.51 15.72 13.40
C ASN B 60 -18.64 15.99 11.86
N ARG B 61 -19.60 16.89 11.52
CA ARG B 61 -19.76 17.33 10.10
C ARG B 61 -18.52 17.97 9.49
N GLN B 62 -17.80 18.82 10.23
CA GLN B 62 -16.69 19.50 9.71
C GLN B 62 -15.53 18.53 9.40
N ILE B 63 -15.19 17.66 10.35
CA ILE B 63 -14.13 16.70 10.11
C ILE B 63 -14.54 15.68 9.01
N GLN B 64 -15.77 15.17 9.06
CA GLN B 64 -16.15 14.16 8.10
C GLN B 64 -16.19 14.73 6.66
N SER B 65 -16.50 16.05 6.51
CA SER B 65 -16.79 16.60 5.18
C SER B 65 -15.50 16.66 4.35
N LYS B 66 -14.34 16.55 4.95
CA LYS B 66 -13.11 16.41 4.20
C LYS B 66 -13.17 15.22 3.19
N GLY B 67 -13.78 14.13 3.64
CA GLY B 67 -13.89 12.92 2.82
C GLY B 67 -12.69 12.00 3.22
N TRP B 68 -13.06 10.82 3.61
CA TRP B 68 -12.11 9.82 4.08
C TRP B 68 -12.50 8.48 3.45
N ALA B 69 -11.59 7.51 3.53
CA ALA B 69 -11.85 6.19 2.96
C ALA B 69 -13.03 5.57 3.60
N PHE B 70 -13.29 5.84 4.89
CA PHE B 70 -14.43 5.22 5.45
C PHE B 70 -15.79 5.85 5.14
N ASN B 71 -15.83 7.04 4.57
CA ASN B 71 -17.18 7.66 4.34
C ASN B 71 -17.42 8.18 2.90
N ILE B 72 -16.56 7.77 1.97
CA ILE B 72 -16.70 8.02 0.54
C ILE B 72 -17.32 6.83 -0.19
N ASN B 73 -18.38 7.08 -0.95
CA ASN B 73 -18.91 6.09 -1.89
C ASN B 73 -18.53 6.60 -3.30
N GLU B 74 -17.56 5.93 -3.94
CA GLU B 74 -17.13 6.38 -5.28
C GLU B 74 -18.15 6.25 -6.44
N SER B 75 -19.22 5.51 -6.26
CA SER B 75 -20.22 5.35 -7.31
C SER B 75 -21.56 5.20 -6.66
N ALA B 76 -22.02 6.29 -6.02
CA ALA B 76 -23.34 6.36 -5.50
C ALA B 76 -24.31 6.75 -6.63
N THR B 77 -25.37 5.99 -6.83
CA THR B 77 -26.32 6.41 -7.86
C THR B 77 -27.59 6.94 -7.25
N LEU B 78 -27.92 8.11 -7.71
CA LEU B 78 -29.03 8.86 -7.18
C LEU B 78 -30.07 8.92 -8.29
N THR B 79 -31.31 8.64 -7.93
CA THR B 79 -32.38 8.48 -8.92
C THR B 79 -33.43 9.54 -8.66
N PRO B 80 -33.72 10.34 -9.71
CA PRO B 80 -34.67 11.43 -9.57
C PRO B 80 -36.05 10.94 -9.30
N ASP B 81 -36.85 11.75 -8.62
CA ASP B 81 -38.29 11.49 -8.61
C ASP B 81 -38.86 11.51 -10.04
N VAL B 82 -39.70 10.53 -10.40
CA VAL B 82 -40.20 10.44 -11.81
C VAL B 82 -41.00 11.66 -12.31
N SER B 83 -41.84 12.22 -11.46
CA SER B 83 -42.74 13.32 -11.85
C SER B 83 -42.05 14.70 -11.98
N THR B 84 -41.15 14.88 -11.03
CA THR B 84 -40.57 16.18 -10.67
C THR B 84 -39.10 16.33 -11.19
N GLY B 85 -38.40 15.23 -11.36
CA GLY B 85 -36.99 15.25 -11.81
C GLY B 85 -36.00 15.60 -10.70
N LEU B 86 -36.47 15.78 -9.48
CA LEU B 86 -35.64 16.28 -8.42
C LEU B 86 -34.93 15.17 -7.63
N ILE B 87 -33.80 15.50 -7.02
CA ILE B 87 -33.07 14.55 -6.19
C ILE B 87 -32.77 15.25 -4.89
N PRO B 88 -33.28 14.76 -3.77
CA PRO B 88 -32.95 15.46 -2.51
C PRO B 88 -31.50 15.35 -2.09
N PHE B 89 -30.97 16.44 -1.57
CA PHE B 89 -29.68 16.47 -0.94
C PHE B 89 -29.97 16.23 0.53
N ARG B 90 -29.84 15.00 0.97
CA ARG B 90 -30.30 14.55 2.26
C ARG B 90 -29.40 15.02 3.39
N PRO B 91 -29.92 15.05 4.64
CA PRO B 91 -29.16 15.54 5.81
C PRO B 91 -27.89 14.77 6.08
N ALA B 92 -27.84 13.48 5.78
CA ALA B 92 -26.57 12.73 5.96
C ALA B 92 -25.55 12.98 4.85
N TYR B 93 -25.98 13.54 3.69
CA TYR B 93 -24.99 13.91 2.71
C TYR B 93 -24.12 15.06 3.08
N LEU B 94 -22.81 14.96 2.89
CA LEU B 94 -21.95 16.02 3.23
C LEU B 94 -21.44 16.81 2.02
N SER B 95 -21.04 16.09 0.97
CA SER B 95 -20.52 16.73 -0.19
C SER B 95 -20.63 15.71 -1.35
N ILE B 96 -20.69 16.25 -2.57
CA ILE B 96 -20.49 15.42 -3.79
C ILE B 96 -19.21 15.98 -4.44
N LEU B 97 -18.20 15.16 -4.57
CA LEU B 97 -16.86 15.59 -5.08
C LEU B 97 -16.90 15.85 -6.62
N GLY B 98 -16.10 16.79 -7.08
CA GLY B 98 -15.92 17.08 -8.52
C GLY B 98 -16.22 18.48 -8.94
N GLY B 99 -17.03 19.20 -8.12
CA GLY B 99 -17.26 20.59 -8.47
C GLY B 99 -18.50 20.78 -9.36
N GLN B 100 -19.16 19.70 -9.72
CA GLN B 100 -20.38 19.77 -10.55
C GLN B 100 -21.69 19.90 -9.74
N TYR B 101 -21.82 19.07 -8.72
CA TYR B 101 -23.05 18.94 -7.97
C TYR B 101 -22.89 19.51 -6.59
N VAL B 102 -23.89 20.31 -6.16
CA VAL B 102 -23.90 20.94 -4.83
C VAL B 102 -25.32 20.91 -4.25
N ASN B 103 -25.44 21.26 -2.99
CA ASN B 103 -26.73 21.34 -2.31
C ASN B 103 -27.23 22.75 -2.58
N ARG B 104 -28.35 22.87 -3.24
CA ARG B 104 -29.04 24.22 -3.34
C ARG B 104 -30.44 23.98 -2.78
N GLY B 105 -30.66 24.56 -1.62
CA GLY B 105 -31.91 24.52 -0.92
C GLY B 105 -32.45 23.15 -0.59
N GLY B 106 -31.58 22.19 -0.29
CA GLY B 106 -32.04 20.85 -0.04
C GLY B 106 -32.13 19.92 -1.24
N TRP B 107 -31.80 20.40 -2.45
CA TRP B 107 -31.84 19.56 -3.66
C TRP B 107 -30.44 19.46 -4.31
N VAL B 108 -30.18 18.34 -4.96
CA VAL B 108 -28.95 18.23 -5.73
C VAL B 108 -29.06 19.11 -6.93
N TYR B 109 -28.07 19.95 -7.10
CA TYR B 109 -28.05 21.00 -8.10
C TYR B 109 -26.79 20.91 -8.90
N ASP B 110 -26.95 20.71 -10.22
CA ASP B 110 -25.81 20.76 -11.16
C ASP B 110 -25.49 22.19 -11.53
N LYS B 111 -24.44 22.70 -10.93
CA LYS B 111 -24.10 24.04 -11.10
C LYS B 111 -23.31 24.33 -12.38
N SER B 112 -22.79 23.30 -12.98
CA SER B 112 -22.12 23.42 -14.32
C SER B 112 -23.14 23.60 -15.48
N THR B 113 -24.15 22.76 -15.51
CA THR B 113 -25.25 22.85 -16.47
C THR B 113 -26.21 24.02 -16.10
N GLY B 114 -26.46 24.19 -14.79
CA GLY B 114 -27.40 25.16 -14.26
C GLY B 114 -28.78 24.53 -14.24
N THR B 115 -28.94 23.42 -13.56
CA THR B 115 -30.20 22.72 -13.39
C THR B 115 -30.27 21.84 -12.13
N ASP B 116 -31.45 21.78 -11.50
CA ASP B 116 -31.75 20.80 -10.46
C ASP B 116 -32.77 19.78 -10.83
N THR B 117 -33.05 19.64 -12.12
CA THR B 117 -33.89 18.55 -12.54
C THR B 117 -33.18 17.66 -13.53
N PHE B 118 -33.48 16.38 -13.39
CA PHE B 118 -32.77 15.29 -14.05
C PHE B 118 -33.75 14.32 -14.69
N SER B 119 -33.41 13.92 -15.91
CA SER B 119 -34.21 12.96 -16.69
C SER B 119 -33.87 11.51 -16.38
N GLY B 120 -32.80 11.27 -15.62
CA GLY B 120 -32.53 9.93 -15.14
C GLY B 120 -31.42 9.91 -14.06
N PRO B 121 -31.10 8.72 -13.54
CA PRO B 121 -30.10 8.64 -12.47
C PRO B 121 -28.76 9.19 -12.81
N ILE B 122 -28.03 9.61 -11.76
CA ILE B 122 -26.65 10.09 -11.94
C ILE B 122 -25.82 9.25 -10.96
N THR B 123 -24.56 9.07 -11.26
CA THR B 123 -23.62 8.29 -10.41
C THR B 123 -22.49 9.21 -10.06
N VAL B 124 -22.28 9.37 -8.75
CA VAL B 124 -21.38 10.40 -8.29
C VAL B 124 -20.51 9.85 -7.10
N THR B 125 -19.50 10.58 -6.74
CA THR B 125 -18.66 10.28 -5.56
C THR B 125 -19.27 11.10 -4.38
N LEU B 126 -19.94 10.42 -3.49
CA LEU B 126 -20.68 10.99 -2.35
C LEU B 126 -19.98 10.74 -1.03
N ILE B 127 -19.81 11.82 -0.25
CA ILE B 127 -19.39 11.75 1.14
C ILE B 127 -20.59 11.76 2.05
N THR B 128 -20.74 10.73 2.89
CA THR B 128 -21.94 10.54 3.69
C THR B 128 -21.49 10.48 5.16
N LEU B 129 -22.22 11.19 5.99
CA LEU B 129 -21.95 11.29 7.46
C LEU B 129 -22.13 9.95 8.19
N GLN B 130 -21.08 9.51 8.85
CA GLN B 130 -21.16 8.33 9.66
C GLN B 130 -21.45 8.59 11.18
N ASP B 131 -22.21 7.69 11.81
CA ASP B 131 -22.44 7.66 13.27
C ASP B 131 -21.13 7.23 14.00
N TYR B 132 -21.08 7.45 15.31
CA TYR B 132 -19.83 7.24 16.09
C TYR B 132 -19.38 5.83 16.20
N ASP B 133 -20.34 4.95 16.05
CA ASP B 133 -20.01 3.54 15.97
C ASP B 133 -19.82 3.04 14.52
N GLU B 134 -19.62 3.94 13.55
CA GLU B 134 -19.52 3.55 12.14
C GLU B 134 -18.29 4.11 11.56
N MET B 135 -17.36 4.57 12.39
CA MET B 135 -16.14 5.15 11.87
C MET B 135 -15.02 4.43 12.56
N PRO B 136 -13.83 4.52 12.04
CA PRO B 136 -12.72 3.89 12.77
C PRO B 136 -12.51 4.57 14.12
N GLU B 137 -12.04 3.79 15.13
CA GLU B 137 -11.85 4.36 16.52
C GLU B 137 -11.10 5.66 16.58
N CYS B 138 -9.94 5.79 15.87
CA CYS B 138 -9.19 7.02 15.93
C CYS B 138 -10.02 8.29 15.51
N PHE B 139 -10.93 8.15 14.56
CA PHE B 139 -11.79 9.29 14.11
C PHE B 139 -12.83 9.60 15.19
N ARG B 140 -13.40 8.60 15.82
CA ARG B 140 -14.35 8.91 16.88
C ARG B 140 -13.61 9.64 18.00
N GLN B 141 -12.41 9.23 18.31
CA GLN B 141 -11.67 9.85 19.38
C GLN B 141 -11.28 11.31 18.98
N TRP B 142 -10.86 11.53 17.76
CA TRP B 142 -10.57 12.85 17.29
C TRP B 142 -11.81 13.77 17.45
N ILE B 143 -12.94 13.31 16.97
CA ILE B 143 -14.12 14.17 16.86
C ILE B 143 -14.68 14.47 18.29
N VAL B 144 -14.80 13.44 19.07
CA VAL B 144 -15.33 13.57 20.46
C VAL B 144 -14.39 14.40 21.33
N THR B 145 -13.08 14.23 21.23
CA THR B 145 -12.17 15.04 21.96
C THR B 145 -12.14 16.52 21.57
N LYS B 146 -11.99 16.80 20.28
CA LYS B 146 -12.18 18.11 19.75
C LYS B 146 -13.50 18.79 20.20
N ALA B 147 -14.61 18.11 20.11
CA ALA B 147 -15.87 18.63 20.53
C ALA B 147 -15.83 18.97 22.08
N SER B 148 -15.30 18.04 22.84
CA SER B 148 -15.06 18.20 24.31
C SER B 148 -14.26 19.44 24.64
N ARG B 149 -13.19 19.67 23.90
CA ARG B 149 -12.38 20.86 24.07
C ARG B 149 -13.12 22.16 23.75
N GLN B 150 -13.89 22.20 22.66
CA GLN B 150 -14.66 23.40 22.32
C GLN B 150 -15.77 23.68 23.42
N PHE B 151 -16.44 22.68 23.89
CA PHE B 151 -17.45 22.74 24.89
C PHE B 151 -16.84 23.29 26.24
N ASN B 152 -15.76 22.70 26.69
CA ASN B 152 -14.96 23.22 27.77
C ASN B 152 -14.53 24.69 27.61
N SER B 153 -13.94 25.01 26.45
CA SER B 153 -13.38 26.28 26.24
C SER B 153 -14.44 27.36 26.25
N ARG B 154 -15.58 27.07 25.68
CA ARG B 154 -16.58 28.07 25.56
C ARG B 154 -17.37 28.33 26.84
N PHE B 155 -17.66 27.29 27.59
CA PHE B 155 -18.56 27.42 28.68
C PHE B 155 -17.98 27.14 30.08
N PHE B 156 -16.79 26.55 30.20
CA PHE B 156 -16.30 26.00 31.48
C PHE B 156 -14.94 26.56 31.86
N GLY B 157 -14.02 26.52 30.90
CA GLY B 157 -12.70 27.09 31.00
C GLY B 157 -11.82 26.42 32.02
N ALA B 158 -12.01 25.12 32.20
CA ALA B 158 -11.14 24.35 33.08
C ALA B 158 -9.80 23.99 32.42
N GLU B 159 -8.72 24.54 32.96
CA GLU B 159 -7.43 24.46 32.30
C GLU B 159 -6.82 23.06 32.34
N ASP B 160 -7.04 22.34 33.42
CA ASP B 160 -6.59 20.95 33.53
C ASP B 160 -7.32 20.02 32.48
N VAL B 161 -8.64 20.22 32.34
CA VAL B 161 -9.43 19.55 31.29
C VAL B 161 -8.87 19.87 29.93
N GLU B 162 -8.62 21.14 29.61
CA GLU B 162 -8.00 21.53 28.30
C GLU B 162 -6.63 20.85 28.08
N ASN B 163 -5.80 20.78 29.10
CA ASN B 163 -4.44 20.15 28.91
C ASN B 163 -4.46 18.67 28.67
N SER B 164 -5.37 18.01 29.32
CA SER B 164 -5.49 16.61 29.19
C SER B 164 -6.21 16.29 27.83
N LEU B 165 -7.27 17.03 27.51
CA LEU B 165 -7.98 16.80 26.25
C LEU B 165 -7.11 17.09 25.05
N ALA B 166 -6.29 18.08 25.17
CA ALA B 166 -5.39 18.45 24.09
C ALA B 166 -4.32 17.35 23.75
N GLN B 167 -3.85 16.71 24.79
CA GLN B 167 -2.96 15.52 24.61
C GLN B 167 -3.69 14.37 23.90
N GLU B 168 -4.91 14.06 24.32
CA GLU B 168 -5.68 12.98 23.73
C GLU B 168 -6.09 13.31 22.27
N GLU B 169 -6.30 14.58 21.98
CA GLU B 169 -6.64 14.95 20.63
C GLU B 169 -5.42 14.71 19.75
N MET B 170 -4.28 15.16 20.20
CA MET B 170 -3.00 15.00 19.46
C MET B 170 -2.72 13.54 19.09
N GLU B 171 -2.93 12.68 20.06
CA GLU B 171 -2.79 11.22 19.92
C GLU B 171 -3.74 10.64 18.90
N ALA B 172 -4.98 11.08 18.94
CA ALA B 172 -5.96 10.71 17.93
C ALA B 172 -5.63 11.20 16.53
N ARG B 173 -5.18 12.46 16.44
CA ARG B 173 -4.81 13.07 15.18
C ARG B 173 -3.61 12.35 14.55
N MET B 174 -2.67 11.93 15.37
CA MET B 174 -1.55 11.19 14.89
C MET B 174 -2.01 9.90 14.21
N ALA B 175 -2.94 9.17 14.83
CA ALA B 175 -3.53 7.93 14.26
C ALA B 175 -4.37 8.24 13.02
N CYS B 176 -5.14 9.34 13.00
CA CYS B 176 -5.95 9.69 11.86
C CYS B 176 -5.04 10.13 10.66
N ASN B 177 -3.95 10.82 10.94
CA ASN B 177 -3.02 11.20 9.90
C ASN B 177 -2.24 10.00 9.29
N GLU B 178 -1.89 9.04 10.11
CA GLU B 178 -1.40 7.74 9.56
C GLU B 178 -2.44 7.02 8.65
N TYR B 179 -3.70 6.97 9.09
CA TYR B 179 -4.80 6.50 8.26
C TYR B 179 -4.87 7.21 6.90
N GLU B 180 -4.80 8.55 6.90
CA GLU B 180 -4.94 9.35 5.71
C GLU B 180 -3.78 9.08 4.74
N MET B 181 -2.59 8.96 5.29
CA MET B 181 -1.41 8.70 4.49
C MET B 181 -1.41 7.24 3.99
N ASP B 182 -1.91 6.31 4.79
CA ASP B 182 -1.97 4.92 4.41
C ASP B 182 -3.03 4.65 3.34
N PHE B 183 -4.19 5.26 3.47
CA PHE B 183 -5.25 5.13 2.53
C PHE B 183 -5.26 6.19 1.41
N GLY B 184 -4.23 7.03 1.29
CA GLY B 184 -4.17 8.05 0.21
C GLY B 184 -3.46 7.61 -1.09
N SER C 1 2.90 -35.08 -12.74
CA SER C 1 2.64 -34.35 -14.03
C SER C 1 1.52 -35.04 -14.86
N GLY C 2 0.85 -34.32 -15.78
CA GLY C 2 0.27 -33.05 -15.53
C GLY C 2 -0.81 -33.10 -14.44
N LEU C 3 -0.42 -32.56 -13.30
CA LEU C 3 -1.32 -32.31 -12.20
C LEU C 3 -2.20 -31.05 -12.54
N VAL C 4 -3.41 -31.03 -12.08
CA VAL C 4 -4.30 -29.87 -12.34
C VAL C 4 -4.82 -29.24 -11.03
N PRO C 5 -5.29 -27.96 -11.10
CA PRO C 5 -5.88 -27.42 -9.87
C PRO C 5 -7.10 -28.20 -9.46
N ARG C 6 -7.45 -28.17 -8.17
CA ARG C 6 -8.63 -28.80 -7.75
C ARG C 6 -9.86 -28.18 -8.32
N GLY C 7 -9.88 -26.89 -8.63
CA GLY C 7 -11.14 -26.28 -9.18
C GLY C 7 -10.88 -25.75 -10.56
N SER C 8 -11.78 -26.02 -11.49
CA SER C 8 -11.65 -25.40 -12.85
C SER C 8 -12.66 -24.26 -13.08
N HIS C 9 -13.85 -24.32 -12.47
CA HIS C 9 -14.80 -23.17 -12.48
C HIS C 9 -15.16 -22.63 -13.90
N MET C 10 -15.35 -23.53 -14.84
CA MET C 10 -15.57 -23.08 -16.22
C MET C 10 -16.86 -22.30 -16.35
N ASN C 11 -17.86 -22.65 -15.55
CA ASN C 11 -19.18 -22.02 -15.60
C ASN C 11 -19.32 -20.76 -14.76
N MET C 12 -18.25 -20.40 -14.06
CA MET C 12 -18.26 -19.19 -13.26
C MET C 12 -18.53 -18.03 -14.20
N GLN C 13 -19.59 -17.26 -13.92
CA GLN C 13 -19.91 -16.13 -14.77
C GLN C 13 -19.68 -14.74 -14.15
N ASP C 14 -19.83 -14.60 -12.84
CA ASP C 14 -19.42 -13.33 -12.23
C ASP C 14 -18.15 -13.46 -11.39
N ALA C 15 -17.81 -12.40 -10.67
CA ALA C 15 -16.59 -12.33 -9.90
C ALA C 15 -16.52 -13.25 -8.71
N TYR C 16 -17.67 -13.58 -8.12
CA TYR C 16 -17.74 -14.29 -6.87
C TYR C 16 -18.15 -15.74 -7.07
N PHE C 17 -17.59 -16.60 -6.22
CA PHE C 17 -18.01 -18.00 -6.16
C PHE C 17 -19.45 -18.24 -5.67
N GLY C 18 -19.91 -17.52 -4.63
CA GLY C 18 -21.28 -17.78 -4.16
C GLY C 18 -21.39 -19.03 -3.38
N SER C 19 -20.24 -19.50 -2.86
CA SER C 19 -20.22 -20.82 -2.29
C SER C 19 -20.35 -20.79 -0.81
N ALA C 20 -20.55 -21.95 -0.20
CA ALA C 20 -20.43 -22.10 1.25
C ALA C 20 -19.08 -21.76 1.75
N ALA C 21 -18.02 -22.02 0.97
CA ALA C 21 -16.66 -21.73 1.42
C ALA C 21 -16.46 -20.17 1.52
N GLU C 22 -16.95 -19.48 0.50
CA GLU C 22 -16.90 -18.02 0.51
C GLU C 22 -17.64 -17.44 1.72
N LEU C 23 -18.82 -17.97 1.98
CA LEU C 23 -19.63 -17.55 3.14
C LEU C 23 -18.90 -17.76 4.43
N ASP C 24 -18.18 -18.88 4.57
CA ASP C 24 -17.43 -19.11 5.79
C ASP C 24 -16.30 -18.12 5.95
N ALA C 25 -15.64 -17.79 4.86
CA ALA C 25 -14.50 -16.92 4.95
C ALA C 25 -15.03 -15.50 5.31
N VAL C 26 -16.13 -15.13 4.69
CA VAL C 26 -16.74 -13.79 5.06
C VAL C 26 -17.16 -13.76 6.54
N ASN C 27 -17.78 -14.83 7.03
CA ASN C 27 -18.16 -14.88 8.43
C ASN C 27 -17.00 -14.81 9.34
N GLU C 28 -15.85 -15.34 8.91
CA GLU C 28 -14.67 -15.18 9.72
C GLU C 28 -14.18 -13.71 9.82
N MET C 29 -14.23 -12.98 8.72
CA MET C 29 -13.83 -11.55 8.72
C MET C 29 -14.80 -10.78 9.65
N LEU C 30 -16.08 -11.09 9.56
CA LEU C 30 -17.12 -10.47 10.42
C LEU C 30 -16.88 -10.75 11.89
N ALA C 31 -16.64 -12.01 12.24
CA ALA C 31 -16.25 -12.35 13.63
C ALA C 31 -15.00 -11.61 14.11
N ALA C 32 -14.01 -11.39 13.23
CA ALA C 32 -12.76 -10.78 13.67
C ALA C 32 -12.98 -9.34 14.19
N ILE C 33 -13.93 -8.61 13.59
CA ILE C 33 -14.19 -7.22 14.04
C ILE C 33 -15.45 -7.10 14.86
N GLY C 34 -16.02 -8.22 15.28
CA GLY C 34 -17.05 -8.22 16.28
C GLY C 34 -18.44 -8.24 15.76
N GLU C 35 -18.67 -8.53 14.47
CA GLU C 35 -20.04 -8.60 14.02
C GLU C 35 -20.51 -10.06 13.89
N SER C 36 -21.84 -10.20 13.85
CA SER C 36 -22.53 -11.45 13.76
C SER C 36 -22.46 -12.02 12.39
N PRO C 37 -22.53 -13.36 12.30
CA PRO C 37 -22.42 -14.05 11.02
C PRO C 37 -23.72 -14.00 10.29
N VAL C 38 -23.67 -14.23 8.99
CA VAL C 38 -24.87 -14.23 8.19
C VAL C 38 -25.10 -15.61 7.58
N THR C 39 -26.30 -15.88 7.08
CA THR C 39 -26.63 -17.19 6.58
C THR C 39 -26.46 -17.28 5.08
N THR C 40 -26.32 -16.14 4.39
CA THR C 40 -26.16 -16.14 2.95
C THR C 40 -25.44 -14.88 2.56
N LEU C 41 -24.85 -14.86 1.37
CA LEU C 41 -24.25 -13.64 0.91
C LEU C 41 -25.19 -12.87 -0.04
N ASP C 42 -26.22 -13.53 -0.56
CA ASP C 42 -27.32 -12.85 -1.30
C ASP C 42 -27.99 -11.87 -0.36
N GLU C 43 -27.42 -10.70 -0.25
CA GLU C 43 -28.03 -9.68 0.57
C GLU C 43 -28.80 -8.92 -0.54
N ASP C 44 -29.76 -8.03 -0.28
CA ASP C 44 -29.72 -6.96 0.73
C ASP C 44 -28.99 -7.26 2.00
N GLY C 45 -27.93 -6.50 2.20
CA GLY C 45 -27.90 -5.08 1.87
C GLY C 45 -27.37 -4.63 3.20
N SER C 46 -26.62 -5.53 3.83
CA SER C 46 -25.66 -5.16 4.84
C SER C 46 -24.40 -4.68 4.11
N ALA C 47 -24.04 -3.44 4.37
CA ALA C 47 -22.78 -2.89 3.90
C ALA C 47 -21.57 -3.72 4.34
N ASP C 48 -21.53 -4.10 5.61
CA ASP C 48 -20.36 -4.87 6.10
C ASP C 48 -20.13 -6.19 5.27
N VAL C 49 -21.22 -6.91 4.98
CA VAL C 49 -21.14 -8.12 4.19
C VAL C 49 -20.67 -7.83 2.79
N ALA C 50 -21.21 -6.79 2.14
CA ALA C 50 -20.75 -6.46 0.79
C ALA C 50 -19.32 -6.03 0.75
N ASN C 51 -18.90 -5.23 1.72
CA ASN C 51 -17.55 -4.76 1.76
C ASN C 51 -16.54 -5.94 2.04
N ALA C 52 -16.83 -6.77 3.04
CA ALA C 52 -15.98 -7.94 3.39
C ALA C 52 -15.76 -8.81 2.15
N ARG C 53 -16.84 -9.04 1.45
CA ARG C 53 -16.85 -9.88 0.23
C ARG C 53 -16.03 -9.31 -0.87
N ARG C 54 -16.12 -7.99 -1.12
CA ARG C 54 -15.23 -7.36 -2.07
C ARG C 54 -13.80 -7.30 -1.70
N ILE C 55 -13.52 -7.00 -0.46
CA ILE C 55 -12.14 -6.94 -0.02
C ILE C 55 -11.55 -8.40 -0.18
N LEU C 56 -12.30 -9.36 0.33
CA LEU C 56 -11.82 -10.79 0.33
C LEU C 56 -11.52 -11.23 -1.14
N ASN C 57 -12.47 -10.98 -2.05
CA ASN C 57 -12.25 -11.22 -3.49
C ASN C 57 -11.02 -10.60 -4.09
N ARG C 58 -10.83 -9.30 -3.83
CA ARG C 58 -9.66 -8.64 -4.32
C ARG C 58 -8.34 -9.23 -3.82
N ILE C 59 -8.27 -9.54 -2.53
CA ILE C 59 -7.04 -10.07 -2.03
C ILE C 59 -6.77 -11.51 -2.58
N ASN C 60 -7.83 -12.28 -2.62
CA ASN C 60 -7.78 -13.64 -3.18
C ASN C 60 -7.22 -13.63 -4.59
N ARG C 61 -7.77 -12.72 -5.46
CA ARG C 61 -7.26 -12.61 -6.79
C ARG C 61 -5.88 -12.13 -6.85
N GLN C 62 -5.53 -11.19 -6.00
CA GLN C 62 -4.23 -10.66 -6.01
C GLN C 62 -3.14 -11.70 -5.62
N ILE C 63 -3.33 -12.37 -4.51
CA ILE C 63 -2.36 -13.35 -4.07
C ILE C 63 -2.32 -14.56 -5.09
N GLN C 64 -3.46 -15.01 -5.50
CA GLN C 64 -3.52 -16.18 -6.41
C GLN C 64 -2.89 -15.90 -7.76
N SER C 65 -2.86 -14.60 -8.16
CA SER C 65 -2.47 -14.26 -9.52
C SER C 65 -1.00 -14.40 -9.69
N LYS C 66 -0.25 -14.45 -8.60
CA LYS C 66 1.15 -14.81 -8.70
C LYS C 66 1.41 -16.18 -9.38
N GLY C 67 0.50 -17.13 -9.21
CA GLY C 67 0.68 -18.50 -9.75
C GLY C 67 1.47 -19.37 -8.78
N TRP C 68 0.86 -20.46 -8.41
CA TRP C 68 1.36 -21.37 -7.38
C TRP C 68 1.13 -22.80 -7.88
N ALA C 69 1.80 -23.77 -7.25
CA ALA C 69 1.64 -25.16 -7.65
C ALA C 69 0.20 -25.60 -7.56
N PHE C 70 -0.59 -25.09 -6.59
CA PHE C 70 -1.97 -25.50 -6.51
C PHE C 70 -2.93 -24.91 -7.51
N ASN C 71 -2.55 -23.87 -8.28
CA ASN C 71 -3.53 -23.18 -9.16
C ASN C 71 -3.04 -22.94 -10.60
N ILE C 72 -1.94 -23.59 -10.94
CA ILE C 72 -1.40 -23.59 -12.30
C ILE C 72 -1.71 -24.93 -13.00
N ASN C 73 -2.20 -24.82 -14.22
CA ASN C 73 -2.33 -25.96 -15.10
C ASN C 73 -1.38 -25.74 -16.24
N GLU C 74 -0.28 -26.52 -16.22
CA GLU C 74 0.79 -26.40 -17.22
C GLU C 74 0.40 -26.77 -18.65
N SER C 75 -0.69 -27.51 -18.84
CA SER C 75 -1.19 -27.75 -20.17
C SER C 75 -2.70 -27.76 -20.18
N ALA C 76 -3.28 -26.58 -20.13
CA ALA C 76 -4.68 -26.40 -20.35
C ALA C 76 -4.88 -26.22 -21.85
N THR C 77 -5.76 -27.02 -22.45
CA THR C 77 -6.00 -26.85 -23.87
C THR C 77 -7.33 -26.22 -23.93
N LEU C 78 -7.42 -25.17 -24.73
CA LEU C 78 -8.62 -24.39 -24.85
C LEU C 78 -9.08 -24.59 -26.31
N THR C 79 -10.38 -24.59 -26.54
CA THR C 79 -10.92 -24.84 -27.86
C THR C 79 -11.98 -23.80 -28.20
N PRO C 80 -11.95 -23.32 -29.46
CA PRO C 80 -12.69 -22.15 -29.78
C PRO C 80 -14.15 -22.50 -29.96
N ASP C 81 -14.95 -21.45 -30.04
CA ASP C 81 -16.35 -21.55 -30.42
C ASP C 81 -16.58 -22.44 -31.64
N VAL C 82 -15.67 -22.35 -32.62
CA VAL C 82 -15.93 -22.76 -34.02
C VAL C 82 -17.22 -22.10 -34.50
N SER C 83 -17.20 -21.58 -35.73
CA SER C 83 -18.16 -20.57 -36.17
C SER C 83 -17.48 -19.20 -36.00
N THR C 84 -17.46 -18.70 -34.77
CA THR C 84 -16.72 -17.50 -34.41
C THR C 84 -15.21 -17.82 -34.27
N GLY C 85 -14.91 -19.03 -33.82
CA GLY C 85 -13.52 -19.41 -33.52
C GLY C 85 -12.95 -18.68 -32.30
N LEU C 86 -13.86 -18.25 -31.41
CA LEU C 86 -13.54 -17.39 -30.28
C LEU C 86 -13.46 -18.15 -28.93
N ILE C 87 -12.36 -17.88 -28.21
CA ILE C 87 -12.08 -18.52 -26.92
C ILE C 87 -12.30 -17.49 -25.79
N PRO C 88 -13.32 -17.73 -24.93
CA PRO C 88 -13.51 -16.80 -23.83
C PRO C 88 -12.29 -16.76 -22.88
N PHE C 89 -12.06 -15.59 -22.30
CA PHE C 89 -11.15 -15.45 -21.19
C PHE C 89 -12.00 -15.28 -19.97
N ARG C 90 -12.20 -16.33 -19.20
CA ARG C 90 -13.29 -16.36 -18.24
C ARG C 90 -12.96 -15.71 -16.93
N PRO C 91 -14.00 -15.44 -16.14
CA PRO C 91 -13.83 -14.82 -14.86
C PRO C 91 -12.80 -15.54 -13.96
N ALA C 92 -12.72 -16.87 -14.08
CA ALA C 92 -11.87 -17.65 -13.19
C ALA C 92 -10.44 -17.66 -13.62
N TYR C 93 -10.18 -17.29 -14.88
CA TYR C 93 -8.80 -17.21 -15.36
C TYR C 93 -8.09 -15.99 -14.81
N LEU C 94 -6.90 -16.17 -14.21
CA LEU C 94 -6.13 -15.05 -13.77
C LEU C 94 -5.09 -14.63 -14.77
N SER C 95 -4.45 -15.56 -15.45
CA SER C 95 -3.44 -15.19 -16.45
C SER C 95 -2.96 -16.40 -17.22
N ILE C 96 -2.40 -16.15 -18.40
CA ILE C 96 -1.77 -17.18 -19.21
C ILE C 96 -0.35 -16.79 -19.29
N LEU C 97 0.56 -17.69 -18.95
CA LEU C 97 1.92 -17.33 -18.83
C LEU C 97 2.56 -17.46 -20.19
N GLY C 98 3.73 -16.85 -20.33
CA GLY C 98 4.58 -17.00 -21.54
C GLY C 98 4.75 -15.73 -22.37
N GLY C 99 3.70 -14.92 -22.42
CA GLY C 99 3.77 -13.59 -23.04
C GLY C 99 3.10 -13.46 -24.40
N GLN C 100 2.43 -14.50 -24.86
CA GLN C 100 1.87 -14.52 -26.19
C GLN C 100 0.35 -14.40 -26.19
N TYR C 101 -0.31 -15.05 -25.24
CA TYR C 101 -1.75 -15.04 -25.18
C TYR C 101 -2.17 -14.17 -24.03
N VAL C 102 -3.18 -13.35 -24.28
CA VAL C 102 -3.59 -12.31 -23.33
C VAL C 102 -5.09 -12.04 -23.45
N ASN C 103 -5.63 -11.38 -22.43
CA ASN C 103 -7.04 -11.03 -22.42
C ASN C 103 -7.42 -9.73 -23.15
N ARG C 104 -7.94 -9.85 -24.37
CA ARG C 104 -8.50 -8.70 -25.09
C ARG C 104 -9.96 -8.42 -24.66
N GLY C 105 -10.91 -9.21 -25.14
CA GLY C 105 -12.32 -9.12 -24.73
C GLY C 105 -12.70 -9.04 -23.25
N GLY C 106 -12.40 -10.03 -22.37
CA GLY C 106 -11.84 -11.37 -22.68
C GLY C 106 -12.69 -12.18 -23.59
N TRP C 107 -12.25 -12.39 -24.82
CA TRP C 107 -11.27 -13.39 -25.31
C TRP C 107 -9.84 -13.07 -24.91
N VAL C 108 -8.98 -14.04 -24.65
CA VAL C 108 -8.06 -14.71 -25.58
C VAL C 108 -7.82 -14.03 -26.92
N TYR C 109 -6.58 -13.56 -27.00
CA TYR C 109 -6.04 -12.82 -28.11
C TYR C 109 -4.58 -13.26 -28.25
N ASP C 110 -4.24 -13.86 -29.38
CA ASP C 110 -2.86 -14.18 -29.69
C ASP C 110 -2.09 -12.94 -30.13
N LYS C 111 -1.31 -12.41 -29.20
CA LYS C 111 -0.46 -11.24 -29.42
C LYS C 111 0.84 -11.65 -30.12
N SER C 112 0.72 -12.33 -31.27
CA SER C 112 1.88 -12.82 -32.05
C SER C 112 1.40 -13.45 -33.35
N THR C 113 0.51 -12.76 -34.06
CA THR C 113 -0.06 -13.27 -35.33
C THR C 113 -1.25 -12.42 -35.80
N GLY C 114 -2.12 -12.04 -34.88
CA GLY C 114 -3.26 -11.20 -35.19
C GLY C 114 -3.78 -10.78 -33.85
N THR C 115 -4.70 -11.52 -33.25
CA THR C 115 -5.72 -12.39 -33.89
C THR C 115 -6.57 -12.97 -32.77
N ASP C 116 -7.87 -12.68 -32.83
CA ASP C 116 -8.82 -13.07 -31.83
C ASP C 116 -9.40 -14.46 -32.12
N THR C 117 -9.01 -15.04 -33.24
CA THR C 117 -9.77 -16.16 -33.82
C THR C 117 -8.86 -17.35 -34.09
N PHE C 118 -9.42 -18.55 -33.92
CA PHE C 118 -8.63 -19.79 -33.93
C PHE C 118 -9.29 -20.93 -34.69
N SER C 119 -8.45 -21.76 -35.32
CA SER C 119 -8.89 -22.92 -36.08
C SER C 119 -9.27 -24.12 -35.19
N GLY C 120 -8.33 -24.54 -34.32
CA GLY C 120 -8.59 -25.41 -33.14
C GLY C 120 -8.21 -24.68 -31.86
N PRO C 121 -6.96 -24.81 -31.41
CA PRO C 121 -5.97 -25.86 -31.40
C PRO C 121 -4.93 -25.64 -30.26
N ILE C 122 -5.36 -25.05 -29.13
CA ILE C 122 -4.41 -24.29 -28.25
C ILE C 122 -4.13 -24.82 -26.81
N THR C 123 -2.86 -25.04 -26.50
CA THR C 123 -2.42 -25.59 -25.21
C THR C 123 -1.44 -24.63 -24.55
N VAL C 124 -1.63 -24.45 -23.24
CA VAL C 124 -1.27 -23.22 -22.52
C VAL C 124 -1.07 -23.45 -20.99
N THR C 125 -0.14 -22.72 -20.37
CA THR C 125 -0.01 -22.65 -18.92
C THR C 125 -1.01 -21.59 -18.34
N LEU C 126 -2.03 -22.05 -17.65
CA LEU C 126 -3.14 -21.26 -17.14
C LEU C 126 -3.13 -21.19 -15.59
N ILE C 127 -3.22 -19.96 -15.06
CA ILE C 127 -3.47 -19.76 -13.62
C ILE C 127 -4.97 -19.53 -13.43
N THR C 128 -5.60 -20.38 -12.64
CA THR C 128 -6.98 -20.37 -12.44
C THR C 128 -7.32 -20.12 -10.94
N LEU C 129 -8.34 -19.29 -10.72
CA LEU C 129 -8.74 -18.93 -9.34
C LEU C 129 -9.37 -20.06 -8.62
N GLN C 130 -8.83 -20.42 -7.46
CA GLN C 130 -9.42 -21.38 -6.61
C GLN C 130 -10.36 -20.77 -5.52
N ASP C 131 -11.37 -21.53 -5.17
CA ASP C 131 -12.21 -21.20 -4.05
C ASP C 131 -11.51 -21.51 -2.71
N TYR C 132 -12.07 -21.00 -1.60
CA TYR C 132 -11.34 -20.86 -0.37
C TYR C 132 -11.14 -22.22 0.27
N ASP C 133 -11.89 -23.22 -0.15
CA ASP C 133 -11.69 -24.58 0.26
C ASP C 133 -10.96 -25.47 -0.78
N GLU C 134 -10.31 -24.87 -1.78
CA GLU C 134 -9.65 -25.57 -2.88
C GLU C 134 -8.19 -25.22 -2.89
N MET C 135 -7.68 -24.64 -1.81
CA MET C 135 -6.30 -24.27 -1.76
C MET C 135 -5.73 -24.90 -0.48
N PRO C 136 -4.43 -24.97 -0.37
CA PRO C 136 -3.84 -25.45 0.87
C PRO C 136 -4.22 -24.56 2.06
N GLU C 137 -4.36 -25.13 3.24
CA GLU C 137 -4.81 -24.34 4.39
C GLU C 137 -4.00 -23.06 4.62
N CYS C 138 -2.67 -23.12 4.49
CA CYS C 138 -1.84 -21.93 4.72
C CYS C 138 -2.20 -20.73 3.81
N PHE C 139 -2.60 -20.98 2.59
CA PHE C 139 -2.97 -19.93 1.65
C PHE C 139 -4.34 -19.38 1.99
N ARG C 140 -5.26 -20.23 2.36
CA ARG C 140 -6.52 -19.74 2.87
C ARG C 140 -6.33 -18.85 4.08
N GLN C 141 -5.44 -19.24 5.00
CA GLN C 141 -5.24 -18.45 6.20
C GLN C 141 -4.58 -17.11 5.88
N TRP C 142 -3.58 -17.08 5.00
CA TRP C 142 -2.99 -15.86 4.58
C TRP C 142 -4.12 -14.89 3.99
N ILE C 143 -4.89 -15.39 3.06
CA ILE C 143 -5.80 -14.58 2.25
C ILE C 143 -6.89 -13.99 3.18
N VAL C 144 -7.40 -14.83 4.06
CA VAL C 144 -8.46 -14.49 4.97
C VAL C 144 -7.97 -13.51 6.06
N THR C 145 -6.77 -13.72 6.59
CA THR C 145 -6.23 -12.90 7.57
C THR C 145 -5.86 -11.50 6.98
N LYS C 146 -5.22 -11.48 5.83
CA LYS C 146 -4.89 -10.26 5.16
C LYS C 146 -6.20 -9.46 4.86
N ALA C 147 -7.17 -10.11 4.29
CA ALA C 147 -8.50 -9.49 4.03
C ALA C 147 -9.14 -8.90 5.33
N SER C 148 -9.09 -9.69 6.40
CA SER C 148 -9.57 -9.29 7.73
C SER C 148 -8.85 -8.01 8.23
N ARG C 149 -7.55 -7.94 8.02
CA ARG C 149 -6.75 -6.80 8.43
C ARG C 149 -7.10 -5.52 7.63
N GLN C 150 -7.29 -5.65 6.32
CA GLN C 150 -7.74 -4.51 5.48
C GLN C 150 -9.15 -4.02 5.89
N PHE C 151 -10.04 -4.94 6.14
CA PHE C 151 -11.40 -4.68 6.57
C PHE C 151 -11.42 -3.91 7.93
N ASN C 152 -10.67 -4.42 8.90
CA ASN C 152 -10.45 -3.75 10.17
C ASN C 152 -9.89 -2.36 9.99
N SER C 153 -8.78 -2.28 9.32
CA SER C 153 -8.05 -1.03 9.21
C SER C 153 -8.89 0.07 8.55
N ARG C 154 -9.72 -0.27 7.57
CA ARG C 154 -10.40 0.74 6.78
C ARG C 154 -11.64 1.22 7.52
N PHE C 155 -12.33 0.34 8.22
CA PHE C 155 -13.63 0.64 8.74
C PHE C 155 -13.74 0.62 10.23
N PHE C 156 -12.74 0.04 10.94
CA PHE C 156 -12.97 -0.27 12.38
C PHE C 156 -11.87 0.30 13.25
N GLY C 157 -10.63 0.10 12.84
CA GLY C 157 -9.46 0.58 13.43
C GLY C 157 -9.22 0.09 14.85
N ALA C 158 -9.60 -1.14 15.15
CA ALA C 158 -9.34 -1.72 16.47
C ALA C 158 -7.86 -2.25 16.53
N GLU C 159 -7.09 -1.60 17.39
CA GLU C 159 -5.69 -1.85 17.56
C GLU C 159 -5.37 -3.32 18.01
N ASP C 160 -6.19 -3.91 18.87
CA ASP C 160 -5.89 -5.26 19.37
C ASP C 160 -6.18 -6.31 18.28
N VAL C 161 -7.23 -6.03 17.49
CA VAL C 161 -7.56 -6.86 16.35
C VAL C 161 -6.40 -6.80 15.35
N GLU C 162 -5.90 -5.60 15.06
CA GLU C 162 -4.80 -5.49 14.18
C GLU C 162 -3.58 -6.28 14.66
N ASN C 163 -3.29 -6.24 15.96
CA ASN C 163 -2.04 -6.84 16.44
C ASN C 163 -2.11 -8.33 16.34
N SER C 164 -3.25 -8.86 16.73
CA SER C 164 -3.53 -10.26 16.74
C SER C 164 -3.57 -10.83 15.27
N LEU C 165 -4.24 -10.13 14.37
CA LEU C 165 -4.31 -10.55 12.99
C LEU C 165 -2.95 -10.45 12.34
N ALA C 166 -2.17 -9.46 12.67
CA ALA C 166 -0.89 -9.34 12.06
C ALA C 166 0.06 -10.56 12.38
N GLN C 167 -0.04 -11.07 13.60
N GLN C 167 -0.02 -11.03 13.62
CA GLN C 167 0.81 -12.22 13.96
CA GLN C 167 0.76 -12.22 14.02
C GLN C 167 0.25 -13.51 13.33
C GLN C 167 0.28 -13.37 13.17
N GLU C 168 -1.05 -13.59 13.12
CA GLU C 168 -1.62 -14.69 12.37
C GLU C 168 -1.21 -14.66 10.89
N GLU C 169 -1.25 -13.48 10.28
CA GLU C 169 -0.82 -13.35 8.90
C GLU C 169 0.67 -13.77 8.79
N MET C 170 1.51 -13.29 9.68
CA MET C 170 2.91 -13.61 9.62
C MET C 170 3.12 -15.17 9.69
N GLU C 171 2.44 -15.81 10.61
CA GLU C 171 2.44 -17.29 10.70
C GLU C 171 2.02 -18.01 9.39
N ALA C 172 0.92 -17.54 8.78
CA ALA C 172 0.47 -18.06 7.53
C ALA C 172 1.51 -17.82 6.42
N ARG C 173 2.06 -16.63 6.36
CA ARG C 173 3.05 -16.33 5.35
C ARG C 173 4.29 -17.20 5.50
N MET C 174 4.68 -17.48 6.74
CA MET C 174 5.86 -18.31 6.96
C MET C 174 5.60 -19.72 6.33
N ALA C 175 4.40 -20.25 6.51
CA ALA C 175 4.04 -21.53 5.89
C ALA C 175 3.89 -21.45 4.35
N CYS C 176 3.37 -20.34 3.82
CA CYS C 176 3.22 -20.22 2.38
C CYS C 176 4.59 -20.08 1.73
N ASN C 177 5.54 -19.45 2.43
CA ASN C 177 6.88 -19.24 1.88
C ASN C 177 7.69 -20.56 1.91
N GLU C 178 7.43 -21.40 2.90
CA GLU C 178 8.01 -22.74 2.90
C GLU C 178 7.46 -23.57 1.75
N TYR C 179 6.16 -23.47 1.51
CA TYR C 179 5.50 -24.08 0.42
C TYR C 179 6.11 -23.60 -0.89
N GLU C 180 6.32 -22.28 -1.04
CA GLU C 180 6.77 -21.72 -2.31
C GLU C 180 8.21 -22.22 -2.59
N MET C 181 9.02 -22.29 -1.56
CA MET C 181 10.42 -22.73 -1.72
C MET C 181 10.45 -24.24 -1.93
N ASP C 182 9.56 -24.97 -1.26
CA ASP C 182 9.49 -26.41 -1.47
C ASP C 182 8.97 -26.82 -2.83
N PHE C 183 7.99 -26.13 -3.40
CA PHE C 183 7.49 -26.59 -4.69
C PHE C 183 8.13 -25.90 -5.90
N GLY C 184 8.97 -24.90 -5.68
CA GLY C 184 9.38 -24.05 -6.81
C GLY C 184 10.70 -24.38 -7.46
N GLN C 185 11.14 -23.46 -8.33
CA GLN C 185 12.52 -23.39 -8.84
C GLN C 185 12.62 -24.12 -10.17
N SER D 1 11.74 2.74 -6.50
CA SER D 1 11.46 3.74 -7.58
C SER D 1 12.52 4.00 -8.73
N GLY D 2 13.15 3.02 -9.40
CA GLY D 2 13.35 1.67 -8.95
C GLY D 2 14.60 1.52 -8.09
N LEU D 3 14.42 0.82 -6.99
CA LEU D 3 15.50 0.52 -6.09
C LEU D 3 16.31 -0.67 -6.71
N VAL D 4 17.61 -0.70 -6.49
CA VAL D 4 18.40 -1.83 -6.95
C VAL D 4 19.07 -2.60 -5.80
N PRO D 5 19.45 -3.86 -6.07
CA PRO D 5 20.31 -4.53 -5.07
C PRO D 5 21.63 -3.86 -4.82
N ARG D 6 22.18 -4.01 -3.62
CA ARG D 6 23.47 -3.52 -3.40
C ARG D 6 24.57 -4.12 -4.28
N GLY D 7 24.42 -5.41 -4.68
CA GLY D 7 25.41 -6.11 -5.51
C GLY D 7 24.86 -6.39 -6.89
N SER D 8 25.63 -6.04 -7.92
CA SER D 8 25.23 -6.40 -9.31
C SER D 8 25.97 -7.64 -9.84
N HIS D 9 27.24 -7.80 -9.48
CA HIS D 9 28.00 -9.07 -9.79
C HIS D 9 27.99 -9.51 -11.27
N MET D 10 28.11 -8.56 -12.18
CA MET D 10 27.98 -8.87 -13.60
C MET D 10 29.13 -9.73 -14.08
N ASN D 11 30.30 -9.58 -13.47
CA ASN D 11 31.49 -10.31 -13.88
C ASN D 11 31.76 -11.55 -13.05
N MET D 12 30.76 -11.98 -12.29
CA MET D 12 30.88 -13.24 -11.53
C MET D 12 30.81 -14.35 -12.57
N GLN D 13 31.82 -15.22 -12.57
CA GLN D 13 31.86 -16.41 -13.43
C GLN D 13 31.65 -17.72 -12.70
N ASP D 14 32.04 -17.82 -11.42
CA ASP D 14 31.92 -19.08 -10.67
C ASP D 14 30.64 -19.15 -9.88
N ALA D 15 30.46 -20.26 -9.17
CA ALA D 15 29.33 -20.40 -8.31
C ALA D 15 29.51 -19.54 -7.06
N TYR D 16 30.74 -19.26 -6.69
CA TYR D 16 31.03 -18.61 -5.45
C TYR D 16 31.59 -17.22 -5.59
N PHE D 17 31.31 -16.41 -4.60
CA PHE D 17 31.87 -15.04 -4.54
C PHE D 17 33.35 -15.01 -4.22
N GLY D 18 33.83 -15.94 -3.39
CA GLY D 18 35.23 -15.89 -3.02
C GLY D 18 35.61 -14.69 -2.20
N SER D 19 34.67 -14.17 -1.42
CA SER D 19 34.89 -13.00 -0.64
C SER D 19 35.23 -13.24 0.81
N ALA D 20 35.71 -12.20 1.44
CA ALA D 20 35.79 -12.18 2.90
C ALA D 20 34.47 -12.52 3.57
N ALA D 21 33.37 -11.99 3.02
CA ALA D 21 32.04 -12.24 3.62
C ALA D 21 31.63 -13.73 3.56
N GLU D 22 31.88 -14.36 2.41
CA GLU D 22 31.76 -15.82 2.31
C GLU D 22 32.60 -16.61 3.32
N LEU D 23 33.86 -16.27 3.46
CA LEU D 23 34.76 -16.89 4.42
C LEU D 23 34.29 -16.75 5.85
N ASP D 24 33.79 -15.57 6.21
CA ASP D 24 33.28 -15.37 7.55
C ASP D 24 32.10 -16.30 7.86
N ALA D 25 31.22 -16.45 6.91
CA ALA D 25 30.02 -17.30 7.05
C ALA D 25 30.44 -18.80 7.17
N VAL D 26 31.36 -19.24 6.36
CA VAL D 26 31.88 -20.63 6.45
C VAL D 26 32.56 -20.81 7.77
N ASN D 27 33.38 -19.86 8.21
CA ASN D 27 33.96 -19.97 9.52
C ASN D 27 32.97 -20.04 10.68
N GLU D 28 31.80 -19.39 10.56
CA GLU D 28 30.75 -19.51 11.57
C GLU D 28 30.16 -20.93 11.58
N MET D 29 30.02 -21.47 10.39
CA MET D 29 29.55 -22.89 10.27
C MET D 29 30.54 -23.86 10.93
N LEU D 30 31.82 -23.65 10.68
CA LEU D 30 32.82 -24.51 11.26
C LEU D 30 32.82 -24.36 12.76
N ALA D 31 32.83 -23.13 13.26
CA ALA D 31 32.74 -22.94 14.71
C ALA D 31 31.51 -23.58 15.36
N ALA D 32 30.36 -23.51 14.71
CA ALA D 32 29.17 -24.14 15.23
C ALA D 32 29.38 -25.66 15.54
N ILE D 33 30.19 -26.39 14.77
CA ILE D 33 30.47 -27.82 15.03
C ILE D 33 31.86 -28.12 15.60
N GLY D 34 32.49 -27.09 16.14
CA GLY D 34 33.73 -27.20 16.84
C GLY D 34 34.99 -27.36 16.01
N GLU D 35 34.98 -26.92 14.77
CA GLU D 35 36.23 -26.93 14.04
C GLU D 35 36.81 -25.51 14.00
N SER D 36 38.10 -25.43 13.76
CA SER D 36 38.76 -24.16 13.87
C SER D 36 38.65 -23.41 12.51
N PRO D 37 38.69 -22.07 12.55
CA PRO D 37 38.55 -21.34 11.29
C PRO D 37 39.73 -21.45 10.34
N VAL D 38 39.45 -21.11 9.10
CA VAL D 38 40.45 -21.12 8.06
C VAL D 38 40.69 -19.66 7.62
N THR D 39 41.79 -19.43 6.93
CA THR D 39 42.10 -18.10 6.48
C THR D 39 41.76 -17.90 5.02
N THR D 40 41.42 -18.97 4.30
CA THR D 40 40.92 -18.82 2.93
C THR D 40 40.09 -20.02 2.59
N LEU D 41 39.29 -19.93 1.53
CA LEU D 41 38.49 -21.05 1.06
C LEU D 41 39.13 -21.79 -0.15
N ASP D 42 40.22 -21.25 -0.72
CA ASP D 42 40.94 -21.91 -1.85
C ASP D 42 41.43 -23.30 -1.50
N GLU D 43 40.79 -24.30 -2.13
CA GLU D 43 40.74 -25.72 -1.68
C GLU D 43 41.96 -26.22 -0.88
N ASP D 44 41.72 -26.53 0.39
CA ASP D 44 42.79 -26.47 1.42
C ASP D 44 43.39 -27.83 1.82
N GLY D 45 42.82 -28.91 1.30
CA GLY D 45 42.63 -30.12 2.11
C GLY D 45 41.16 -30.31 1.83
N SER D 46 40.27 -29.59 2.50
CA SER D 46 39.75 -29.96 3.80
C SER D 46 38.34 -30.24 3.30
N ALA D 47 37.86 -31.47 3.48
CA ALA D 47 36.51 -31.82 3.11
C ALA D 47 35.44 -30.99 3.87
N ASP D 48 35.66 -30.74 5.14
CA ASP D 48 34.72 -29.99 5.97
C ASP D 48 34.56 -28.55 5.42
N VAL D 49 35.69 -27.93 5.07
CA VAL D 49 35.65 -26.61 4.42
C VAL D 49 34.85 -26.66 3.16
N ALA D 50 35.21 -27.54 2.21
CA ALA D 50 34.44 -27.69 0.99
C ALA D 50 32.98 -27.99 1.13
N ASN D 51 32.67 -28.87 2.03
CA ASN D 51 31.30 -29.26 2.25
C ASN D 51 30.47 -28.05 2.83
N ALA D 52 31.05 -27.36 3.77
CA ALA D 52 30.37 -26.19 4.41
C ALA D 52 30.03 -25.11 3.35
N ARG D 53 30.99 -24.89 2.45
CA ARG D 53 30.89 -23.91 1.41
C ARG D 53 29.83 -24.23 0.45
N ARG D 54 29.72 -25.53 0.09
CA ARG D 54 28.69 -26.00 -0.79
C ARG D 54 27.27 -26.06 -0.22
N ILE D 55 27.15 -26.50 1.01
CA ILE D 55 25.88 -26.47 1.68
C ILE D 55 25.37 -24.98 1.77
N LEU D 56 26.30 -24.13 2.14
CA LEU D 56 26.02 -22.67 2.36
C LEU D 56 25.50 -22.08 1.02
N ASN D 57 26.25 -22.34 -0.06
CA ASN D 57 25.85 -21.87 -1.40
C ASN D 57 24.51 -22.34 -1.88
N ARG D 58 24.19 -23.64 -1.65
CA ARG D 58 22.92 -24.17 -2.04
C ARG D 58 21.76 -23.52 -1.24
N ILE D 59 21.93 -23.33 0.05
CA ILE D 59 20.86 -22.77 0.93
C ILE D 59 20.63 -21.27 0.52
N ASN D 60 21.74 -20.58 0.32
CA ASN D 60 21.78 -19.18 -0.10
C ASN D 60 20.97 -19.00 -1.39
N ARG D 61 21.31 -19.81 -2.38
CA ARG D 61 20.54 -19.82 -3.60
C ARG D 61 19.09 -20.18 -3.46
N GLN D 62 18.80 -21.26 -2.75
CA GLN D 62 17.43 -21.60 -2.57
C GLN D 62 16.62 -20.44 -1.92
N ILE D 63 17.14 -19.89 -0.86
CA ILE D 63 16.35 -18.85 -0.14
C ILE D 63 16.21 -17.59 -1.02
N GLN D 64 17.31 -17.16 -1.64
CA GLN D 64 17.35 -15.92 -2.41
C GLN D 64 16.56 -16.08 -3.67
N SER D 65 16.38 -17.32 -4.17
CA SER D 65 15.71 -17.42 -5.44
C SER D 65 14.23 -17.11 -5.35
N LYS D 66 13.65 -17.13 -4.17
CA LYS D 66 12.25 -16.72 -4.01
C LYS D 66 12.03 -15.29 -4.53
N GLY D 67 13.00 -14.43 -4.32
CA GLY D 67 12.93 -12.99 -4.70
C GLY D 67 12.45 -12.21 -3.45
N TRP D 68 13.27 -11.28 -3.00
CA TRP D 68 12.99 -10.41 -1.89
C TRP D 68 13.30 -8.98 -2.29
N ALA D 69 12.76 -8.05 -1.51
CA ALA D 69 13.04 -6.63 -1.82
C ALA D 69 14.53 -6.33 -2.05
N PHE D 70 15.41 -6.85 -1.23
CA PHE D 70 16.83 -6.52 -1.33
C PHE D 70 17.64 -7.11 -2.49
N ASN D 71 17.08 -8.03 -3.22
CA ASN D 71 17.80 -8.67 -4.34
C ASN D 71 17.02 -8.63 -5.64
N ILE D 72 15.94 -7.83 -5.70
CA ILE D 72 15.11 -7.68 -6.90
C ILE D 72 15.41 -6.32 -7.54
N ASN D 73 15.73 -6.32 -8.83
CA ASN D 73 15.77 -5.13 -9.66
C ASN D 73 14.52 -5.09 -10.53
N GLU D 74 13.54 -4.23 -10.22
CA GLU D 74 12.28 -4.24 -11.03
C GLU D 74 12.42 -3.78 -12.46
N SER D 75 13.48 -3.03 -12.77
CA SER D 75 13.67 -2.56 -14.16
C SER D 75 15.14 -2.66 -14.53
N ALA D 76 15.57 -3.88 -14.82
CA ALA D 76 16.93 -4.12 -15.24
C ALA D 76 16.86 -4.20 -16.75
N THR D 77 17.83 -3.61 -17.43
CA THR D 77 17.79 -3.62 -18.89
C THR D 77 18.93 -4.43 -19.40
N LEU D 78 18.59 -5.37 -20.28
CA LEU D 78 19.58 -6.26 -20.82
C LEU D 78 19.70 -6.05 -22.32
N THR D 79 20.88 -5.63 -22.74
CA THR D 79 21.21 -5.38 -24.16
C THR D 79 22.00 -6.57 -24.71
N PRO D 80 21.62 -7.09 -25.90
CA PRO D 80 22.32 -8.24 -26.52
C PRO D 80 23.66 -7.84 -27.16
N ASP D 81 24.52 -8.83 -27.42
N SER D 83 25.54 -7.43 -32.78
CA SER D 83 26.30 -8.20 -31.81
C SER D 83 26.15 -9.71 -32.13
N THR D 84 25.06 -10.32 -31.67
CA THR D 84 24.60 -11.64 -32.16
C THR D 84 23.10 -11.91 -31.83
N GLY D 85 22.38 -10.90 -31.35
CA GLY D 85 21.04 -11.10 -30.80
C GLY D 85 20.98 -11.66 -29.37
N LEU D 86 22.06 -12.28 -28.89
CA LEU D 86 22.05 -13.10 -27.68
C LEU D 86 22.25 -12.34 -26.39
N ILE D 87 21.59 -12.81 -25.32
CA ILE D 87 21.77 -12.23 -23.98
C ILE D 87 22.14 -13.30 -22.96
N PRO D 88 23.31 -13.13 -22.32
CA PRO D 88 23.72 -14.17 -21.38
C PRO D 88 22.85 -14.14 -20.10
N PHE D 89 22.61 -15.33 -19.54
CA PHE D 89 21.97 -15.50 -18.25
C PHE D 89 23.11 -15.83 -17.26
N ARG D 90 23.59 -14.80 -16.55
CA ARG D 90 24.83 -14.92 -15.77
C ARG D 90 24.68 -15.81 -14.54
N PRO D 91 25.82 -16.27 -14.01
CA PRO D 91 25.79 -17.09 -12.79
C PRO D 91 25.10 -16.40 -11.61
N ALA D 92 25.15 -15.07 -11.56
CA ALA D 92 24.54 -14.33 -10.43
C ALA D 92 23.06 -14.16 -10.59
N TYR D 93 22.56 -14.30 -11.83
CA TYR D 93 21.12 -14.23 -12.03
C TYR D 93 20.46 -15.46 -11.46
N LEU D 94 19.40 -15.30 -10.66
CA LEU D 94 18.69 -16.45 -10.13
C LEU D 94 17.45 -16.73 -10.90
N SER D 95 16.80 -15.69 -11.38
CA SER D 95 15.46 -15.81 -11.92
C SER D 95 15.09 -14.50 -12.59
N ILE D 96 14.34 -14.55 -13.69
CA ILE D 96 13.71 -13.37 -14.27
C ILE D 96 12.24 -13.61 -14.07
N LEU D 97 11.56 -12.72 -13.40
CA LEU D 97 10.22 -13.01 -13.01
C LEU D 97 9.27 -12.75 -14.16
N GLY D 98 8.14 -13.43 -14.07
CA GLY D 98 6.97 -13.14 -14.86
C GLY D 98 6.53 -14.28 -15.71
N GLY D 99 7.40 -15.27 -15.89
CA GLY D 99 7.03 -16.46 -16.65
C GLY D 99 7.15 -16.36 -18.18
N GLN D 100 7.85 -15.34 -18.65
CA GLN D 100 8.11 -15.18 -20.08
C GLN D 100 9.57 -15.53 -20.44
N TYR D 101 10.53 -14.90 -19.77
CA TYR D 101 11.94 -15.18 -20.05
C TYR D 101 12.50 -16.19 -19.10
N VAL D 102 13.40 -17.01 -19.62
CA VAL D 102 14.06 -18.02 -18.83
C VAL D 102 15.42 -18.33 -19.42
N ASN D 103 16.15 -19.17 -18.70
CA ASN D 103 17.51 -19.59 -19.06
C ASN D 103 17.56 -20.85 -19.92
N ARG D 104 18.09 -20.73 -21.15
CA ARG D 104 18.39 -21.90 -22.01
C ARG D 104 19.90 -22.11 -22.14
N GLY D 105 20.43 -23.04 -21.34
CA GLY D 105 21.85 -23.36 -21.31
C GLY D 105 22.84 -22.19 -21.17
N GLY D 106 22.39 -21.08 -20.57
CA GLY D 106 23.19 -19.85 -20.40
C GLY D 106 22.71 -18.60 -21.13
N TRP D 107 21.54 -18.66 -21.74
CA TRP D 107 21.04 -17.53 -22.48
C TRP D 107 19.56 -17.28 -22.23
N VAL D 108 19.18 -16.02 -22.32
CA VAL D 108 17.79 -15.63 -22.11
C VAL D 108 16.97 -16.09 -23.30
N TYR D 109 15.91 -16.83 -23.01
CA TYR D 109 15.01 -17.35 -24.02
C TYR D 109 13.66 -16.67 -23.86
N ASP D 110 13.26 -15.91 -24.87
CA ASP D 110 11.95 -15.26 -24.86
C ASP D 110 10.90 -16.21 -25.38
N LYS D 111 10.05 -16.72 -24.50
CA LYS D 111 9.10 -17.72 -24.95
C LYS D 111 7.71 -17.20 -25.38
N SER D 112 7.56 -15.89 -25.54
CA SER D 112 6.40 -15.34 -26.26
C SER D 112 6.53 -15.63 -27.76
N THR D 113 7.77 -15.80 -28.21
CA THR D 113 8.11 -16.10 -29.61
C THR D 113 9.02 -17.32 -29.77
N GLY D 114 9.45 -17.93 -28.68
CA GLY D 114 10.36 -19.09 -28.76
C GLY D 114 11.80 -18.80 -29.21
N THR D 115 12.16 -17.52 -29.32
CA THR D 115 13.52 -17.11 -29.71
C THR D 115 14.51 -17.09 -28.54
N ASP D 116 15.78 -16.85 -28.85
CA ASP D 116 16.72 -16.27 -27.88
C ASP D 116 17.65 -15.21 -28.52
N THR D 117 17.20 -14.65 -29.63
CA THR D 117 17.84 -13.52 -30.27
C THR D 117 16.85 -12.34 -30.20
N PHE D 118 17.39 -11.13 -30.02
CA PHE D 118 16.56 -9.97 -29.66
C PHE D 118 16.78 -8.74 -30.53
N SER D 119 15.72 -8.38 -31.25
CA SER D 119 15.62 -7.14 -32.04
C SER D 119 16.29 -5.92 -31.39
N GLY D 120 15.90 -5.61 -30.15
CA GLY D 120 16.51 -4.52 -29.37
C GLY D 120 17.06 -5.00 -28.03
N PRO D 121 16.91 -4.16 -26.98
CA PRO D 121 17.18 -4.57 -25.61
C PRO D 121 15.86 -4.70 -24.83
N ILE D 122 15.92 -5.36 -23.66
CA ILE D 122 14.71 -5.61 -22.85
C ILE D 122 14.87 -5.19 -21.40
N THR D 123 13.75 -4.77 -20.85
CA THR D 123 13.64 -4.40 -19.45
C THR D 123 12.84 -5.48 -18.73
N VAL D 124 13.46 -6.10 -17.73
CA VAL D 124 12.80 -7.14 -16.96
C VAL D 124 12.90 -6.92 -15.44
N THR D 125 12.21 -7.80 -14.72
CA THR D 125 12.36 -7.88 -13.28
C THR D 125 13.32 -9.03 -13.00
N LEU D 126 14.43 -8.76 -12.33
CA LEU D 126 15.52 -9.71 -12.26
C LEU D 126 15.92 -9.92 -10.79
N ILE D 127 16.06 -11.18 -10.38
CA ILE D 127 16.58 -11.54 -9.04
C ILE D 127 18.03 -11.89 -9.22
N THR D 128 18.90 -11.21 -8.45
CA THR D 128 20.38 -11.29 -8.51
C THR D 128 20.88 -11.70 -7.14
N LEU D 129 21.74 -12.69 -7.14
CA LEU D 129 22.37 -13.24 -5.92
C LEU D 129 23.20 -12.20 -5.20
N GLN D 130 22.90 -11.96 -3.92
CA GLN D 130 23.67 -11.08 -3.08
C GLN D 130 24.68 -11.81 -2.18
N ASP D 131 25.86 -11.21 -1.92
CA ASP D 131 26.79 -11.70 -0.90
C ASP D 131 26.29 -11.43 0.53
N TYR D 132 26.92 -12.04 1.54
CA TYR D 132 26.45 -11.92 2.94
C TYR D 132 26.55 -10.51 3.57
N ASP D 133 27.40 -9.65 3.02
CA ASP D 133 27.46 -8.27 3.44
C ASP D 133 26.59 -7.39 2.51
N GLU D 134 25.70 -7.99 1.72
CA GLU D 134 24.84 -7.25 0.77
C GLU D 134 23.36 -7.53 0.96
N MET D 135 23.03 -8.07 2.14
CA MET D 135 21.68 -8.49 2.45
C MET D 135 21.44 -8.02 3.86
N PRO D 136 20.18 -7.88 4.28
CA PRO D 136 19.87 -7.52 5.62
C PRO D 136 20.35 -8.57 6.60
N GLU D 137 20.74 -8.16 7.81
CA GLU D 137 21.11 -9.08 8.89
C GLU D 137 20.18 -10.25 9.13
N CYS D 138 18.87 -10.04 9.07
CA CYS D 138 17.94 -11.15 9.29
C CYS D 138 18.12 -12.24 8.25
N PHE D 139 18.36 -11.86 6.99
CA PHE D 139 18.60 -12.85 5.97
C PHE D 139 19.89 -13.58 6.08
N ARG D 140 20.97 -12.88 6.35
CA ARG D 140 22.19 -13.56 6.67
C ARG D 140 22.04 -14.57 7.81
N GLN D 141 21.29 -14.20 8.85
CA GLN D 141 21.10 -15.05 10.00
C GLN D 141 20.34 -16.29 9.60
N TRP D 142 19.27 -16.14 8.88
CA TRP D 142 18.47 -17.24 8.45
C TRP D 142 19.36 -18.20 7.60
N ILE D 143 20.06 -17.64 6.63
CA ILE D 143 20.82 -18.46 5.71
C ILE D 143 21.94 -19.18 6.37
N VAL D 144 22.71 -18.46 7.14
CA VAL D 144 23.85 -19.02 7.75
C VAL D 144 23.46 -20.03 8.84
N THR D 145 22.38 -19.76 9.58
CA THR D 145 21.94 -20.70 10.59
C THR D 145 21.34 -21.98 10.03
N LYS D 146 20.52 -21.85 9.00
CA LYS D 146 20.02 -22.97 8.30
C LYS D 146 21.14 -23.88 7.73
N ALA D 147 22.17 -23.27 7.15
CA ALA D 147 23.31 -24.06 6.59
C ALA D 147 24.07 -24.73 7.71
N SER D 148 24.32 -24.01 8.79
CA SER D 148 24.99 -24.54 9.94
C SER D 148 24.30 -25.79 10.46
N ARG D 149 22.99 -25.73 10.48
CA ARG D 149 22.17 -26.81 11.01
C ARG D 149 22.18 -28.06 10.13
N GLN D 150 22.15 -27.80 8.84
CA GLN D 150 22.21 -28.81 7.86
C GLN D 150 23.59 -29.49 7.88
N PHE D 151 24.63 -28.71 8.05
CA PHE D 151 25.98 -29.18 8.11
C PHE D 151 26.19 -30.08 9.37
N ASN D 152 25.75 -29.56 10.52
CA ASN D 152 25.66 -30.38 11.74
C ASN D 152 24.90 -31.70 11.54
N SER D 153 23.65 -31.64 11.10
CA SER D 153 22.82 -32.83 10.95
C SER D 153 23.37 -33.86 9.94
N ARG D 154 23.96 -33.39 8.85
CA ARG D 154 24.40 -34.28 7.84
C ARG D 154 25.65 -35.09 8.28
N PHE D 155 26.54 -34.47 8.97
CA PHE D 155 27.85 -35.01 9.21
C PHE D 155 28.25 -35.27 10.62
N PHE D 156 27.59 -34.66 11.62
CA PHE D 156 28.07 -34.66 13.00
C PHE D 156 27.00 -35.15 13.98
N GLY D 157 25.81 -34.57 13.90
CA GLY D 157 24.69 -34.87 14.70
C GLY D 157 24.80 -34.45 16.17
N ALA D 158 25.48 -33.37 16.51
CA ALA D 158 25.51 -32.97 17.93
C ALA D 158 24.17 -32.42 18.37
N GLU D 159 23.65 -32.93 19.48
CA GLU D 159 22.27 -32.58 19.87
C GLU D 159 22.06 -31.11 20.39
N ASP D 160 23.02 -30.64 21.14
CA ASP D 160 22.88 -29.31 21.75
C ASP D 160 23.04 -28.25 20.64
N VAL D 161 23.92 -28.55 19.68
CA VAL D 161 24.02 -27.70 18.48
C VAL D 161 22.70 -27.64 17.74
N GLU D 162 22.13 -28.79 17.42
CA GLU D 162 20.88 -28.85 16.75
C GLU D 162 19.79 -28.00 17.48
N ASN D 163 19.62 -28.19 18.78
CA ASN D 163 18.53 -27.49 19.52
C ASN D 163 18.64 -25.96 19.53
N SER D 164 19.86 -25.54 19.75
CA SER D 164 20.29 -24.17 19.72
C SER D 164 20.10 -23.51 18.30
N LEU D 165 20.67 -24.12 17.26
CA LEU D 165 20.51 -23.62 15.90
C LEU D 165 19.08 -23.62 15.48
N ALA D 166 18.30 -24.60 15.95
CA ALA D 166 16.92 -24.66 15.50
C ALA D 166 16.15 -23.43 16.00
N GLN D 167 16.50 -22.98 17.19
CA GLN D 167 15.88 -21.82 17.84
C GLN D 167 16.21 -20.55 17.10
N GLU D 168 17.50 -20.37 16.82
CA GLU D 168 17.99 -19.27 16.02
C GLU D 168 17.43 -19.25 14.61
N GLU D 169 17.31 -20.41 13.96
CA GLU D 169 16.77 -20.40 12.59
C GLU D 169 15.31 -19.94 12.65
N MET D 170 14.58 -20.38 13.64
CA MET D 170 13.15 -20.05 13.70
C MET D 170 12.97 -18.52 13.90
N GLU D 171 13.75 -17.98 14.80
CA GLU D 171 13.77 -16.53 15.08
C GLU D 171 14.13 -15.70 13.84
N ALA D 172 15.16 -16.12 13.10
CA ALA D 172 15.54 -15.47 11.83
C ALA D 172 14.46 -15.59 10.78
N ARG D 173 13.84 -16.74 10.69
CA ARG D 173 12.83 -16.95 9.70
C ARG D 173 11.56 -16.07 9.96
N MET D 174 11.22 -15.88 11.23
CA MET D 174 10.10 -14.97 11.56
C MET D 174 10.45 -13.53 11.16
N ALA D 175 11.66 -13.09 11.50
CA ALA D 175 12.13 -11.76 11.14
C ALA D 175 12.12 -11.54 9.63
N CYS D 176 12.50 -12.56 8.81
CA CYS D 176 12.43 -12.46 7.37
C CYS D 176 10.99 -12.40 6.83
N ASN D 177 10.08 -13.10 7.48
CA ASN D 177 8.67 -13.02 7.08
C ASN D 177 8.00 -11.63 7.45
N GLU D 178 8.41 -11.11 8.58
CA GLU D 178 8.09 -9.71 8.96
C GLU D 178 8.62 -8.68 8.00
N TYR D 179 9.87 -8.87 7.55
CA TYR D 179 10.47 -8.10 6.50
C TYR D 179 9.63 -8.09 5.28
N GLU D 180 9.20 -9.24 4.80
CA GLU D 180 8.45 -9.27 3.56
C GLU D 180 7.04 -8.62 3.73
N MET D 181 6.49 -8.72 4.92
CA MET D 181 5.21 -8.05 5.16
C MET D 181 5.39 -6.54 5.08
N ASP D 182 6.53 -6.05 5.58
CA ASP D 182 6.88 -4.62 5.51
C ASP D 182 7.13 -4.16 4.09
N PHE D 183 7.95 -4.90 3.34
CA PHE D 183 8.32 -4.51 2.01
C PHE D 183 7.51 -5.12 0.88
N GLY D 184 6.73 -6.17 1.15
CA GLY D 184 5.85 -6.77 0.15
C GLY D 184 6.55 -7.80 -0.73
N GLN D 185 5.79 -8.80 -1.23
CA GLN D 185 6.21 -9.69 -2.35
C GLN D 185 5.86 -8.99 -3.66
N TYR D 186 6.80 -8.95 -4.58
CA TYR D 186 6.53 -8.51 -5.97
C TYR D 186 5.53 -9.43 -6.72
N ASN D 187 4.63 -8.83 -7.48
CA ASN D 187 3.80 -9.62 -8.39
C ASN D 187 3.56 -9.04 -9.82
N MET D 188 4.32 -9.57 -10.80
CA MET D 188 4.08 -9.51 -12.26
C MET D 188 5.30 -8.98 -12.99
#